data_1PXZ
#
_entry.id   1PXZ
#
_cell.length_a   53.636
_cell.length_b   115.005
_cell.length_c   73.525
_cell.angle_alpha   90.00
_cell.angle_beta   95.82
_cell.angle_gamma   90.00
#
_symmetry.space_group_name_H-M   'P 1 21 1'
#
loop_
_entity.id
_entity.type
_entity.pdbx_description
1 polymer 'Major pollen allergen Jun a 1'
2 water water
#
_entity_poly.entity_id   1
_entity_poly.type   'polypeptide(L)'
_entity_poly.pdbx_seq_one_letter_code
;DNPIDSCWRGDSNWDQNRMKLADCAVGFGSSTMGGKGGDFYTVTSTDDNPVNPTPGTLRYGATREKALWIIFSQNMNIKL
KMPLYVAGHKTIDGRGADVHLGNGGPCLFMRKVSHVILHSLHIHGCNTSVLGDVLVSESIGVEPVHAQDGDAITMRNVTN
AWIDHNSLSDCSDGLIDVTLGSTGITISNNHFFNHHKVMLLGHDDTYDDDKSMKVTVAFNQFGPNAGQRMPRARYGLVHV
ANNNYDPWNIYAIGGSSNPTILSEGNSFTAPSESYKKEVTKRIGCESPSACANWVWRSTRDAFINGAYFVSSGKTEETNI
YNSNEAFKVENGNAAPQLTKNAGVVT
;
_entity_poly.pdbx_strand_id   A,B
#
# COMPACT_ATOMS: atom_id res chain seq x y z
N ASP A 1 2.76 5.86 19.74
CA ASP A 1 1.73 5.86 18.71
C ASP A 1 1.25 7.30 18.45
N ASN A 2 0.25 7.70 19.23
CA ASN A 2 -0.30 9.06 19.17
C ASN A 2 -1.14 9.27 20.42
N PRO A 3 -1.60 10.47 20.70
CA PRO A 3 -2.36 10.74 21.93
C PRO A 3 -3.62 9.91 22.13
N ILE A 4 -4.24 9.41 21.05
CA ILE A 4 -5.45 8.58 21.24
C ILE A 4 -4.99 7.18 21.59
N ASP A 5 -4.15 6.59 20.74
CA ASP A 5 -3.81 5.19 20.96
C ASP A 5 -3.02 5.00 22.24
N SER A 6 -2.26 6.03 22.62
CA SER A 6 -1.44 5.83 23.83
C SER A 6 -2.30 5.57 25.06
N CYS A 7 -3.50 6.08 25.04
CA CYS A 7 -4.45 6.05 26.15
C CYS A 7 -4.97 4.64 26.35
N TRP A 8 -5.19 3.83 25.32
CA TRP A 8 -5.73 2.49 25.56
C TRP A 8 -4.79 1.38 25.16
N ARG A 9 -3.65 1.73 24.57
CA ARG A 9 -2.66 0.71 24.26
C ARG A 9 -1.42 0.76 25.14
N GLY A 10 -1.30 1.71 26.06
CA GLY A 10 -0.11 1.83 26.89
C GLY A 10 -0.04 0.92 28.09
N ASP A 11 -1.07 0.86 28.94
CA ASP A 11 -0.95 -0.07 30.07
C ASP A 11 -2.30 -0.80 30.23
N SER A 12 -2.72 -1.34 29.10
CA SER A 12 -3.99 -2.05 28.96
C SER A 12 -3.85 -3.10 27.87
N ASN A 13 -4.43 -4.28 28.02
CA ASN A 13 -4.65 -5.25 26.97
C ASN A 13 -6.08 -5.10 26.46
N TRP A 14 -6.31 -4.57 25.27
CA TRP A 14 -7.70 -4.32 24.88
C TRP A 14 -8.57 -5.57 24.92
N ASP A 15 -7.99 -6.73 24.65
CA ASP A 15 -8.86 -7.93 24.51
C ASP A 15 -9.56 -8.17 25.84
N GLN A 16 -8.87 -7.84 26.92
CA GLN A 16 -9.52 -8.13 28.23
C GLN A 16 -10.18 -6.88 28.78
N ASN A 17 -10.01 -5.74 28.10
CA ASN A 17 -10.69 -4.53 28.55
C ASN A 17 -11.14 -3.70 27.36
N ARG A 18 -12.07 -4.24 26.56
CA ARG A 18 -12.43 -3.52 25.33
C ARG A 18 -13.00 -2.14 25.64
N MET A 19 -13.68 -1.90 26.76
CA MET A 19 -14.35 -0.59 26.82
C MET A 19 -13.42 0.54 27.25
N LYS A 20 -12.16 0.22 27.54
CA LYS A 20 -11.21 1.29 27.83
C LYS A 20 -11.09 2.25 26.65
N LEU A 21 -11.24 1.72 25.45
CA LEU A 21 -11.23 2.55 24.24
C LEU A 21 -12.10 3.78 24.37
N ALA A 22 -13.27 3.63 24.99
CA ALA A 22 -14.21 4.74 25.01
C ALA A 22 -13.74 5.89 25.91
N ASP A 23 -12.73 5.68 26.73
CA ASP A 23 -12.21 6.77 27.56
C ASP A 23 -11.19 7.62 26.83
N CYS A 24 -10.91 7.34 25.57
CA CYS A 24 -9.69 7.87 24.96
C CYS A 24 -9.91 8.76 23.77
N ALA A 25 -11.14 9.12 23.47
CA ALA A 25 -11.39 10.01 22.34
C ALA A 25 -10.89 11.43 22.64
N VAL A 26 -10.40 12.11 21.62
CA VAL A 26 -9.92 13.49 21.70
C VAL A 26 -10.66 14.30 20.63
N GLY A 27 -10.57 15.64 20.71
CA GLY A 27 -11.21 16.43 19.67
C GLY A 27 -12.69 16.62 19.96
N PHE A 28 -13.41 17.08 18.96
CA PHE A 28 -14.80 17.42 19.18
C PHE A 28 -15.67 16.21 19.49
N GLY A 29 -15.25 14.99 19.11
CA GLY A 29 -16.11 13.88 19.49
C GLY A 29 -15.65 13.25 20.79
N SER A 30 -14.94 13.98 21.65
CA SER A 30 -14.38 13.36 22.84
C SER A 30 -15.43 12.88 23.84
N SER A 31 -16.66 13.36 23.80
CA SER A 31 -17.72 12.96 24.72
C SER A 31 -18.42 11.68 24.28
N THR A 32 -18.04 11.18 23.11
CA THR A 32 -18.69 9.97 22.60
C THR A 32 -18.54 8.80 23.56
N MET A 33 -19.63 8.19 23.99
CA MET A 33 -19.51 7.04 24.89
C MET A 33 -19.67 5.72 24.14
N GLY A 34 -20.31 5.79 22.97
CA GLY A 34 -20.62 4.52 22.33
C GLY A 34 -21.51 3.67 23.23
N GLY A 35 -21.23 2.35 23.26
CA GLY A 35 -22.03 1.50 24.11
C GLY A 35 -21.38 1.31 25.47
N LYS A 36 -20.51 2.24 25.89
CA LYS A 36 -19.88 2.10 27.20
C LYS A 36 -20.91 1.94 28.30
N GLY A 37 -20.64 1.03 29.23
CA GLY A 37 -21.65 0.80 30.27
C GLY A 37 -22.69 -0.23 29.87
N GLY A 38 -22.86 -0.48 28.58
CA GLY A 38 -23.90 -1.38 28.10
C GLY A 38 -23.41 -2.81 28.19
N ASP A 39 -24.16 -3.77 27.68
CA ASP A 39 -23.64 -5.14 27.63
C ASP A 39 -22.83 -5.35 26.37
N PHE A 40 -21.92 -6.33 26.41
CA PHE A 40 -21.33 -6.78 25.17
C PHE A 40 -22.36 -7.58 24.36
N TYR A 41 -22.38 -7.41 23.06
CA TYR A 41 -23.26 -8.10 22.11
C TYR A 41 -22.37 -8.79 21.07
N THR A 42 -22.55 -10.09 20.86
CA THR A 42 -21.68 -10.76 19.90
C THR A 42 -22.44 -11.11 18.63
N VAL A 43 -21.89 -10.72 17.50
CA VAL A 43 -22.40 -11.10 16.19
C VAL A 43 -21.91 -12.51 15.89
N THR A 44 -22.88 -13.44 15.80
CA THR A 44 -22.52 -14.82 15.50
C THR A 44 -22.97 -15.24 14.12
N SER A 45 -23.71 -14.40 13.41
CA SER A 45 -24.25 -14.74 12.11
C SER A 45 -24.04 -13.62 11.10
N THR A 46 -23.84 -13.99 9.83
CA THR A 46 -23.61 -12.98 8.79
C THR A 46 -24.91 -12.60 8.12
N ASP A 47 -26.05 -13.13 8.59
CA ASP A 47 -27.31 -12.91 7.92
C ASP A 47 -27.80 -11.47 8.14
N ASP A 48 -28.74 -11.10 7.29
CA ASP A 48 -29.39 -9.79 7.37
C ASP A 48 -30.86 -9.90 6.94
N ASN A 49 -31.78 -9.57 7.84
CA ASN A 49 -33.18 -9.37 7.53
C ASN A 49 -33.55 -7.92 7.89
N PRO A 50 -33.63 -7.07 6.88
CA PRO A 50 -33.82 -5.64 7.11
C PRO A 50 -35.05 -5.27 7.91
N VAL A 51 -36.15 -6.02 7.81
CA VAL A 51 -37.40 -5.58 8.45
C VAL A 51 -37.70 -6.30 9.75
N ASN A 52 -36.91 -7.34 10.03
CA ASN A 52 -37.18 -8.20 11.20
C ASN A 52 -35.89 -8.93 11.54
N PRO A 53 -34.86 -8.19 11.96
CA PRO A 53 -33.55 -8.80 12.25
C PRO A 53 -33.60 -9.80 13.39
N THR A 54 -32.81 -10.86 13.30
CA THR A 54 -32.85 -11.89 14.33
C THR A 54 -31.64 -11.85 15.25
N PRO A 55 -31.82 -12.27 16.49
CA PRO A 55 -30.74 -12.30 17.48
C PRO A 55 -29.49 -12.95 16.93
N GLY A 56 -28.33 -12.33 17.15
CA GLY A 56 -27.11 -12.91 16.63
C GLY A 56 -26.63 -12.17 15.39
N THR A 57 -27.48 -11.40 14.74
CA THR A 57 -27.03 -10.70 13.53
C THR A 57 -26.56 -9.30 13.86
N LEU A 58 -25.86 -8.67 12.91
CA LEU A 58 -25.37 -7.32 13.16
C LEU A 58 -26.52 -6.34 13.29
N ARG A 59 -27.52 -6.44 12.39
CA ARG A 59 -28.60 -5.46 12.44
C ARG A 59 -29.42 -5.58 13.71
N TYR A 60 -29.63 -6.79 14.23
CA TYR A 60 -30.32 -6.86 15.52
C TYR A 60 -29.56 -6.08 16.58
N GLY A 61 -28.26 -6.31 16.75
CA GLY A 61 -27.64 -5.56 17.86
C GLY A 61 -27.60 -4.07 17.58
N ALA A 62 -27.37 -3.70 16.32
CA ALA A 62 -27.22 -2.28 15.99
C ALA A 62 -28.51 -1.51 16.16
N THR A 63 -29.68 -2.17 16.11
CA THR A 63 -30.93 -1.43 16.20
C THR A 63 -31.54 -1.45 17.61
N ARG A 64 -30.91 -2.12 18.58
CA ARG A 64 -31.54 -2.15 19.89
C ARG A 64 -31.55 -0.77 20.50
N GLU A 65 -32.56 -0.48 21.34
CA GLU A 65 -32.53 0.79 22.06
C GLU A 65 -31.50 0.75 23.18
N LYS A 66 -31.29 -0.37 23.86
CA LYS A 66 -30.31 -0.31 24.94
C LYS A 66 -28.87 -0.16 24.43
N ALA A 67 -28.01 0.30 25.32
CA ALA A 67 -26.58 0.47 25.03
C ALA A 67 -25.92 -0.88 24.80
N LEU A 68 -25.20 -1.01 23.68
CA LEU A 68 -24.53 -2.28 23.43
C LEU A 68 -23.14 -2.06 22.85
N TRP A 69 -22.22 -2.93 23.24
CA TRP A 69 -20.87 -2.89 22.70
C TRP A 69 -20.76 -4.11 21.78
N ILE A 70 -20.86 -3.86 20.48
CA ILE A 70 -20.94 -4.97 19.53
C ILE A 70 -19.58 -5.46 19.06
N ILE A 71 -19.40 -6.78 19.17
CA ILE A 71 -18.15 -7.43 18.77
C ILE A 71 -18.47 -8.63 17.87
N PHE A 72 -17.47 -9.27 17.29
CA PHE A 72 -17.75 -10.30 16.27
C PHE A 72 -17.10 -11.62 16.64
N SER A 73 -17.83 -12.73 16.53
CA SER A 73 -17.35 -14.04 16.99
C SER A 73 -16.32 -14.64 16.05
N GLN A 74 -16.19 -14.14 14.84
CA GLN A 74 -15.29 -14.70 13.87
C GLN A 74 -15.03 -13.70 12.75
N ASN A 75 -14.03 -14.00 11.93
CA ASN A 75 -13.91 -13.18 10.72
C ASN A 75 -15.23 -13.24 9.95
N MET A 76 -15.67 -12.14 9.36
CA MET A 76 -16.94 -12.08 8.67
C MET A 76 -16.92 -11.11 7.49
N ASN A 77 -17.31 -11.56 6.31
CA ASN A 77 -17.68 -10.64 5.24
C ASN A 77 -19.20 -10.51 5.24
N ILE A 78 -19.69 -9.32 5.55
CA ILE A 78 -21.15 -9.16 5.64
C ILE A 78 -21.66 -8.33 4.48
N LYS A 79 -22.68 -8.86 3.79
CA LYS A 79 -23.31 -8.10 2.72
C LYS A 79 -24.72 -7.73 3.15
N LEU A 80 -24.94 -6.45 3.41
CA LEU A 80 -26.27 -6.04 3.89
C LEU A 80 -27.29 -5.94 2.76
N LYS A 81 -28.57 -6.13 3.10
CA LYS A 81 -29.59 -6.10 2.05
C LYS A 81 -30.23 -4.72 1.90
N MET A 82 -30.11 -3.91 2.97
CA MET A 82 -30.61 -2.55 2.98
C MET A 82 -29.67 -1.68 3.81
N PRO A 83 -29.76 -0.37 3.74
CA PRO A 83 -28.93 0.48 4.62
C PRO A 83 -29.07 0.06 6.08
N LEU A 84 -27.98 -0.02 6.82
CA LEU A 84 -28.06 -0.39 8.23
C LEU A 84 -28.08 0.90 9.04
N TYR A 85 -29.22 1.18 9.66
CA TYR A 85 -29.31 2.30 10.60
C TYR A 85 -28.85 1.84 11.98
N VAL A 86 -27.87 2.55 12.52
CA VAL A 86 -27.25 2.22 13.78
C VAL A 86 -27.83 3.13 14.87
N ALA A 87 -28.44 2.56 15.90
CA ALA A 87 -29.06 3.36 16.97
C ALA A 87 -28.05 4.09 17.81
N GLY A 88 -28.48 5.00 18.69
CA GLY A 88 -27.48 5.67 19.54
C GLY A 88 -26.98 4.76 20.65
N HIS A 89 -25.92 5.18 21.34
CA HIS A 89 -25.30 4.41 22.42
C HIS A 89 -24.90 3.03 21.94
N LYS A 90 -24.15 3.03 20.83
CA LYS A 90 -23.67 1.77 20.28
C LYS A 90 -22.18 1.90 20.00
N THR A 91 -21.42 0.83 20.19
CA THR A 91 -20.07 0.68 19.64
C THR A 91 -20.12 -0.49 18.68
N ILE A 92 -19.57 -0.31 17.49
CA ILE A 92 -19.32 -1.53 16.66
C ILE A 92 -17.80 -1.66 16.66
N ASP A 93 -17.30 -2.72 17.27
CA ASP A 93 -15.87 -2.89 17.55
C ASP A 93 -15.32 -4.09 16.80
N GLY A 94 -14.54 -3.88 15.74
CA GLY A 94 -13.95 -4.97 14.97
C GLY A 94 -12.64 -5.56 15.45
N ARG A 95 -12.15 -5.16 16.64
CA ARG A 95 -10.91 -5.70 17.14
C ARG A 95 -11.08 -7.20 17.40
N GLY A 96 -10.09 -7.96 16.94
CA GLY A 96 -10.10 -9.38 17.26
C GLY A 96 -10.72 -10.18 16.14
N ALA A 97 -11.22 -9.51 15.11
CA ALA A 97 -11.74 -10.19 13.94
C ALA A 97 -11.50 -9.36 12.67
N ASP A 98 -11.55 -10.08 11.55
CA ASP A 98 -11.49 -9.41 10.25
C ASP A 98 -12.91 -9.21 9.75
N VAL A 99 -13.46 -8.04 10.00
CA VAL A 99 -14.82 -7.72 9.60
C VAL A 99 -14.84 -6.79 8.40
N HIS A 100 -15.53 -7.22 7.35
CA HIS A 100 -15.64 -6.50 6.09
C HIS A 100 -17.11 -6.28 5.80
N LEU A 101 -17.53 -5.02 5.71
CA LEU A 101 -18.85 -4.61 5.31
C LEU A 101 -18.82 -3.97 3.92
N GLY A 102 -19.92 -3.96 3.21
CA GLY A 102 -20.05 -3.40 1.87
C GLY A 102 -20.20 -4.55 0.88
N ASN A 103 -19.13 -4.86 0.15
CA ASN A 103 -19.19 -6.09 -0.66
C ASN A 103 -20.35 -6.10 -1.65
N GLY A 104 -20.69 -4.97 -2.25
CA GLY A 104 -21.79 -4.79 -3.17
C GLY A 104 -23.11 -4.37 -2.54
N GLY A 105 -23.20 -4.33 -1.21
CA GLY A 105 -24.44 -3.89 -0.58
C GLY A 105 -24.27 -2.50 0.02
N PRO A 106 -25.34 -1.94 0.56
CA PRO A 106 -25.29 -0.66 1.27
C PRO A 106 -24.56 -0.84 2.60
N CYS A 107 -24.19 0.29 3.23
CA CYS A 107 -23.34 0.22 4.42
C CYS A 107 -23.99 0.92 5.60
N LEU A 108 -23.27 1.76 6.32
CA LEU A 108 -23.69 2.22 7.64
C LEU A 108 -24.25 3.65 7.65
N PHE A 109 -25.36 3.77 8.37
CA PHE A 109 -26.12 4.99 8.42
C PHE A 109 -26.47 5.35 9.86
N MET A 110 -26.36 6.63 10.17
CA MET A 110 -26.78 7.12 11.48
C MET A 110 -27.65 8.36 11.27
N ARG A 111 -28.84 8.37 11.87
CA ARG A 111 -29.71 9.53 11.62
C ARG A 111 -30.40 9.93 12.92
N LYS A 112 -30.20 11.18 13.35
CA LYS A 112 -30.82 11.62 14.60
C LYS A 112 -30.52 10.73 15.79
N VAL A 113 -29.26 10.41 15.98
CA VAL A 113 -28.79 9.62 17.11
C VAL A 113 -27.51 10.25 17.66
N SER A 114 -27.10 9.86 18.86
CA SER A 114 -25.85 10.27 19.48
C SER A 114 -25.09 9.11 20.09
N HIS A 115 -23.81 9.37 20.34
CA HIS A 115 -22.98 8.40 21.07
C HIS A 115 -22.83 7.08 20.32
N VAL A 116 -22.20 7.18 19.15
CA VAL A 116 -21.88 6.03 18.31
C VAL A 116 -20.36 6.00 18.04
N ILE A 117 -19.73 4.88 18.35
CA ILE A 117 -18.34 4.60 18.05
C ILE A 117 -18.25 3.51 16.98
N LEU A 118 -17.56 3.80 15.88
CA LEU A 118 -17.34 2.78 14.85
C LEU A 118 -15.84 2.56 14.81
N HIS A 119 -15.39 1.34 15.14
CA HIS A 119 -13.97 1.14 15.30
C HIS A 119 -13.48 -0.18 14.74
N SER A 120 -12.38 -0.12 14.03
CA SER A 120 -11.62 -1.25 13.50
C SER A 120 -12.42 -2.15 12.57
N LEU A 121 -13.17 -1.50 11.69
CA LEU A 121 -13.90 -2.16 10.63
C LEU A 121 -13.25 -1.94 9.26
N HIS A 122 -13.39 -2.96 8.42
CA HIS A 122 -13.08 -2.74 6.99
C HIS A 122 -14.38 -2.40 6.27
N ILE A 123 -14.49 -1.32 5.54
CA ILE A 123 -15.71 -1.09 4.76
C ILE A 123 -15.30 -0.77 3.33
N HIS A 124 -15.78 -1.55 2.38
CA HIS A 124 -15.44 -1.27 0.98
C HIS A 124 -16.49 -1.88 0.05
N GLY A 125 -16.54 -1.37 -1.17
CA GLY A 125 -17.51 -1.81 -2.15
C GLY A 125 -18.94 -1.42 -1.79
N CYS A 126 -19.16 -0.37 -1.01
CA CYS A 126 -20.54 0.00 -0.71
C CYS A 126 -21.25 0.47 -1.97
N ASN A 127 -22.53 0.14 -2.07
CA ASN A 127 -23.25 0.42 -3.32
C ASN A 127 -24.58 1.10 -3.09
N THR A 128 -25.10 1.73 -4.14
CA THR A 128 -26.41 2.37 -4.10
C THR A 128 -27.47 1.40 -3.59
N SER A 129 -28.33 1.90 -2.69
CA SER A 129 -29.34 0.94 -2.22
C SER A 129 -30.62 1.10 -3.01
N VAL A 130 -31.52 0.15 -2.82
CA VAL A 130 -32.85 0.19 -3.42
C VAL A 130 -33.89 0.66 -2.44
N LEU A 131 -34.81 1.49 -2.91
CA LEU A 131 -35.94 1.95 -2.09
C LEU A 131 -36.60 0.73 -1.47
N GLY A 132 -37.02 0.84 -0.21
CA GLY A 132 -37.58 -0.35 0.44
C GLY A 132 -37.80 -0.12 1.93
N ASP A 133 -38.49 -1.05 2.59
CA ASP A 133 -38.72 -0.95 4.03
C ASP A 133 -37.53 -1.44 4.83
N VAL A 134 -37.30 -0.82 5.98
CA VAL A 134 -36.17 -1.18 6.83
C VAL A 134 -36.53 -0.99 8.30
N LEU A 135 -36.10 -1.86 9.19
CA LEU A 135 -36.21 -1.60 10.61
C LEU A 135 -35.17 -0.53 11.00
N VAL A 136 -35.66 0.71 11.08
CA VAL A 136 -34.77 1.83 11.36
C VAL A 136 -34.19 1.64 12.74
N SER A 137 -35.04 1.38 13.74
CA SER A 137 -34.56 0.96 15.06
C SER A 137 -35.67 0.17 15.77
N GLU A 138 -35.27 -0.48 16.85
CA GLU A 138 -36.24 -1.27 17.63
C GLU A 138 -37.40 -0.38 18.00
N SER A 139 -37.06 0.82 18.45
CA SER A 139 -38.15 1.69 18.93
C SER A 139 -38.91 2.34 17.78
N ILE A 140 -38.22 2.68 16.71
CA ILE A 140 -38.91 3.38 15.61
C ILE A 140 -39.74 2.43 14.77
N GLY A 141 -39.30 1.18 14.61
CA GLY A 141 -40.04 0.27 13.76
C GLY A 141 -39.67 0.36 12.31
N VAL A 142 -40.47 -0.27 11.45
CA VAL A 142 -40.20 -0.38 10.03
C VAL A 142 -40.75 0.85 9.29
N GLU A 143 -39.92 1.38 8.40
CA GLU A 143 -40.20 2.59 7.66
C GLU A 143 -39.64 2.50 6.25
N PRO A 144 -40.25 3.18 5.29
CA PRO A 144 -39.67 3.16 3.95
C PRO A 144 -38.41 4.01 3.97
N VAL A 145 -37.34 3.56 3.32
CA VAL A 145 -36.11 4.36 3.25
C VAL A 145 -35.82 4.68 1.79
N HIS A 146 -35.61 5.92 1.38
CA HIS A 146 -35.40 6.12 -0.06
C HIS A 146 -34.10 5.47 -0.51
N ALA A 147 -33.89 5.39 -1.83
CA ALA A 147 -32.61 4.95 -2.36
C ALA A 147 -31.45 5.78 -1.85
N GLN A 148 -30.38 5.18 -1.33
CA GLN A 148 -29.31 6.01 -0.78
C GLN A 148 -27.98 5.86 -1.53
N ASP A 149 -27.15 6.91 -1.52
CA ASP A 149 -25.82 6.81 -2.09
C ASP A 149 -25.02 5.68 -1.44
N GLY A 150 -24.09 5.12 -2.20
CA GLY A 150 -23.15 4.12 -1.75
C GLY A 150 -22.00 4.69 -0.95
N ASP A 151 -22.33 5.32 0.18
CA ASP A 151 -21.34 5.86 1.10
C ASP A 151 -20.99 4.81 2.14
N ALA A 152 -19.74 4.78 2.58
CA ALA A 152 -19.41 3.80 3.62
C ALA A 152 -20.06 4.13 4.96
N ILE A 153 -20.00 5.41 5.32
CA ILE A 153 -20.56 5.85 6.60
C ILE A 153 -21.33 7.13 6.39
N THR A 154 -22.60 7.15 6.77
CA THR A 154 -23.37 8.38 6.54
C THR A 154 -23.94 8.89 7.85
N MET A 155 -23.78 10.17 8.17
CA MET A 155 -24.33 10.72 9.41
C MET A 155 -25.24 11.90 9.09
N ARG A 156 -26.49 11.84 9.55
CA ARG A 156 -27.45 12.91 9.35
C ARG A 156 -27.99 13.33 10.72
N ASN A 157 -27.78 14.58 11.11
CA ASN A 157 -28.27 14.99 12.41
C ASN A 157 -27.73 14.11 13.54
N VAL A 158 -26.42 13.86 13.53
CA VAL A 158 -25.75 13.07 14.55
C VAL A 158 -24.89 13.89 15.48
N THR A 159 -24.89 13.61 16.79
CA THR A 159 -23.92 14.34 17.63
C THR A 159 -23.16 13.34 18.48
N ASN A 160 -21.90 13.68 18.76
CA ASN A 160 -21.09 12.85 19.64
C ASN A 160 -20.85 11.51 18.93
N ALA A 161 -20.03 11.53 17.90
CA ALA A 161 -19.73 10.27 17.23
C ALA A 161 -18.23 10.18 16.96
N TRP A 162 -17.71 8.96 16.90
CA TRP A 162 -16.27 8.76 16.79
C TRP A 162 -16.03 7.65 15.76
N ILE A 163 -15.37 8.02 14.68
CA ILE A 163 -15.03 7.02 13.64
C ILE A 163 -13.53 6.78 13.70
N ASP A 164 -13.10 5.61 14.16
CA ASP A 164 -11.71 5.41 14.56
C ASP A 164 -11.12 4.08 14.08
N HIS A 165 -9.91 4.16 13.52
CA HIS A 165 -9.19 2.96 13.10
C HIS A 165 -9.99 2.10 12.14
N ASN A 166 -10.75 2.67 11.22
CA ASN A 166 -11.34 1.86 10.15
C ASN A 166 -10.50 1.90 8.89
N SER A 167 -10.65 0.88 8.06
CA SER A 167 -10.05 0.83 6.73
C SER A 167 -11.13 1.01 5.67
N LEU A 168 -11.13 2.14 4.96
CA LEU A 168 -12.25 2.56 4.14
C LEU A 168 -11.81 2.77 2.70
N SER A 169 -12.39 2.07 1.73
CA SER A 169 -11.87 2.16 0.38
C SER A 169 -12.95 1.82 -0.65
N ASP A 170 -12.76 2.24 -1.89
CA ASP A 170 -13.48 1.73 -3.04
C ASP A 170 -14.99 1.65 -2.85
N CYS A 171 -15.63 2.76 -2.53
CA CYS A 171 -17.09 2.77 -2.51
C CYS A 171 -17.65 3.51 -3.70
N SER A 172 -18.96 3.41 -3.95
CA SER A 172 -19.44 4.04 -5.19
C SER A 172 -19.52 5.55 -5.04
N ASP A 173 -19.82 6.07 -3.85
CA ASP A 173 -19.93 7.53 -3.73
C ASP A 173 -18.92 8.06 -2.73
N GLY A 174 -19.29 8.29 -1.47
CA GLY A 174 -18.29 8.77 -0.53
C GLY A 174 -17.84 7.74 0.49
N LEU A 175 -16.79 8.05 1.25
CA LEU A 175 -16.41 7.19 2.34
C LEU A 175 -17.06 7.69 3.62
N ILE A 176 -17.02 8.98 3.91
CA ILE A 176 -17.72 9.48 5.10
C ILE A 176 -18.54 10.68 4.71
N ASP A 177 -19.84 10.69 5.00
CA ASP A 177 -20.69 11.83 4.66
C ASP A 177 -21.28 12.37 5.95
N VAL A 178 -21.05 13.65 6.25
CA VAL A 178 -21.56 14.23 7.50
C VAL A 178 -22.44 15.41 7.14
N THR A 179 -23.71 15.40 7.48
CA THR A 179 -24.65 16.40 7.05
C THR A 179 -25.72 16.73 8.10
N LEU A 180 -26.47 17.77 7.77
CA LEU A 180 -27.67 18.17 8.48
C LEU A 180 -27.49 18.38 9.97
N GLY A 181 -26.64 19.32 10.37
CA GLY A 181 -26.59 19.62 11.80
C GLY A 181 -25.79 18.66 12.63
N SER A 182 -24.98 17.81 11.99
CA SER A 182 -24.13 16.92 12.76
C SER A 182 -23.00 17.69 13.39
N THR A 183 -22.61 17.29 14.60
CA THR A 183 -21.50 18.03 15.21
C THR A 183 -20.96 17.21 16.35
N GLY A 184 -19.81 17.60 16.90
CA GLY A 184 -19.21 16.87 18.01
C GLY A 184 -18.70 15.52 17.50
N ILE A 185 -17.89 15.57 16.44
CA ILE A 185 -17.41 14.34 15.80
C ILE A 185 -15.92 14.33 15.65
N THR A 186 -15.33 13.16 15.92
CA THR A 186 -13.91 12.97 15.66
C THR A 186 -13.77 11.83 14.65
N ILE A 187 -12.92 12.07 13.67
CA ILE A 187 -12.62 11.05 12.66
C ILE A 187 -11.13 10.81 12.76
N SER A 188 -10.73 9.67 13.30
CA SER A 188 -9.32 9.52 13.68
C SER A 188 -8.74 8.16 13.33
N ASN A 189 -7.43 8.10 13.06
CA ASN A 189 -6.73 6.84 12.92
C ASN A 189 -7.30 5.98 11.80
N ASN A 190 -8.02 6.52 10.84
CA ASN A 190 -8.54 5.71 9.74
C ASN A 190 -7.57 5.61 8.57
N HIS A 191 -7.73 4.60 7.72
CA HIS A 191 -6.94 4.54 6.48
C HIS A 191 -7.92 4.68 5.32
N PHE A 192 -7.84 5.76 4.56
CA PHE A 192 -8.71 5.98 3.40
C PHE A 192 -7.92 5.72 2.14
N PHE A 193 -8.39 4.87 1.22
CA PHE A 193 -7.54 4.56 0.07
C PHE A 193 -8.37 4.05 -1.12
N ASN A 194 -7.73 4.10 -2.30
CA ASN A 194 -8.35 3.60 -3.53
C ASN A 194 -9.76 4.09 -3.70
N HIS A 195 -9.96 5.41 -3.68
CA HIS A 195 -11.31 5.96 -3.66
C HIS A 195 -11.26 7.41 -4.11
N HIS A 196 -12.18 7.87 -4.96
CA HIS A 196 -12.15 9.27 -5.39
C HIS A 196 -12.66 10.25 -4.36
N LYS A 197 -13.96 10.25 -4.05
CA LYS A 197 -14.56 11.30 -3.24
C LYS A 197 -14.59 10.93 -1.77
N VAL A 198 -13.59 11.34 -1.00
CA VAL A 198 -13.44 10.74 0.33
C VAL A 198 -14.37 11.21 1.42
N MET A 199 -14.39 12.51 1.75
CA MET A 199 -15.09 12.94 2.95
C MET A 199 -15.78 14.29 2.73
N LEU A 200 -17.08 14.31 2.95
CA LEU A 200 -17.96 15.45 2.78
C LEU A 200 -18.42 15.90 4.16
N LEU A 201 -18.02 17.08 4.60
CA LEU A 201 -18.52 17.60 5.88
C LEU A 201 -19.41 18.82 5.58
N GLY A 202 -20.73 18.63 5.52
CA GLY A 202 -21.68 19.63 5.10
C GLY A 202 -22.06 19.41 3.64
N HIS A 203 -23.32 19.15 3.34
CA HIS A 203 -23.80 18.69 2.06
C HIS A 203 -24.28 19.74 1.09
N ASP A 204 -24.95 20.81 1.51
CA ASP A 204 -25.35 21.77 0.47
C ASP A 204 -24.96 23.20 0.86
N ASP A 205 -24.85 24.05 -0.17
CA ASP A 205 -24.55 25.47 0.02
C ASP A 205 -25.80 26.19 0.52
N THR A 206 -26.90 25.45 0.53
CA THR A 206 -28.18 25.94 1.03
C THR A 206 -28.28 25.80 2.54
N TYR A 207 -27.73 24.72 3.10
CA TYR A 207 -27.93 24.45 4.52
C TYR A 207 -26.98 25.20 5.44
N ASP A 208 -27.23 26.48 5.69
CA ASP A 208 -26.32 27.24 6.56
C ASP A 208 -26.45 26.83 8.02
N ASP A 209 -27.36 25.91 8.35
CA ASP A 209 -27.36 25.52 9.78
C ASP A 209 -26.17 24.65 10.11
N ASP A 210 -25.41 24.24 9.10
CA ASP A 210 -24.13 23.57 9.32
C ASP A 210 -23.09 24.53 9.88
N LYS A 211 -23.41 25.82 10.03
CA LYS A 211 -22.45 26.74 10.64
C LYS A 211 -22.04 26.31 12.05
N SER A 212 -22.83 25.52 12.76
CA SER A 212 -22.47 25.04 14.09
C SER A 212 -21.71 23.71 14.06
N MET A 213 -21.47 23.16 12.87
CA MET A 213 -20.78 21.87 12.84
C MET A 213 -19.33 22.01 13.29
N LYS A 214 -18.90 21.14 14.19
CA LYS A 214 -17.50 21.09 14.63
C LYS A 214 -16.97 19.67 14.47
N VAL A 215 -15.90 19.52 13.70
CA VAL A 215 -15.36 18.19 13.41
C VAL A 215 -13.85 18.13 13.53
N THR A 216 -13.32 17.05 14.12
CA THR A 216 -11.88 16.86 14.26
C THR A 216 -11.45 15.74 13.30
N VAL A 217 -10.49 16.03 12.45
CA VAL A 217 -9.97 14.98 11.55
C VAL A 217 -8.51 14.76 11.93
N ALA A 218 -8.19 13.66 12.63
CA ALA A 218 -6.84 13.50 13.15
C ALA A 218 -6.21 12.12 13.02
N PHE A 219 -4.92 12.11 12.72
CA PHE A 219 -4.08 10.91 12.68
C PHE A 219 -4.54 9.90 11.61
N ASN A 220 -5.14 10.39 10.54
CA ASN A 220 -5.60 9.53 9.47
C ASN A 220 -4.52 9.39 8.40
N GLN A 221 -4.54 8.26 7.71
CA GLN A 221 -3.69 8.04 6.55
C GLN A 221 -4.56 8.28 5.32
N PHE A 222 -4.29 9.32 4.53
CA PHE A 222 -5.08 9.60 3.34
C PHE A 222 -4.36 9.10 2.10
N GLY A 223 -4.80 7.95 1.58
CA GLY A 223 -4.11 7.39 0.43
C GLY A 223 -3.37 6.11 0.73
N PRO A 224 -2.75 5.46 -0.26
CA PRO A 224 -2.62 5.94 -1.64
C PRO A 224 -3.88 5.90 -2.49
N ASN A 225 -3.81 6.58 -3.62
CA ASN A 225 -4.91 6.61 -4.57
C ASN A 225 -6.21 7.09 -3.97
N ALA A 226 -6.10 8.09 -3.09
CA ALA A 226 -7.29 8.83 -2.67
C ALA A 226 -7.41 10.07 -3.54
N GLY A 227 -8.58 10.36 -4.07
CA GLY A 227 -8.74 11.38 -5.10
C GLY A 227 -8.82 12.79 -4.56
N GLN A 228 -9.80 13.07 -3.71
CA GLN A 228 -9.96 14.44 -3.20
C GLN A 228 -10.95 14.48 -2.06
N ARG A 229 -11.31 15.65 -1.54
CA ARG A 229 -12.25 15.80 -0.42
C ARG A 229 -11.71 15.19 0.86
N MET A 230 -10.59 15.72 1.35
CA MET A 230 -9.96 15.10 2.52
C MET A 230 -9.61 16.11 3.60
N PRO A 231 -10.56 16.85 4.14
CA PRO A 231 -11.97 16.84 3.77
C PRO A 231 -12.36 17.89 2.74
N ARG A 232 -13.59 17.78 2.25
CA ARG A 232 -14.29 18.90 1.61
C ARG A 232 -15.33 19.38 2.64
N ALA A 233 -15.22 20.63 3.07
CA ALA A 233 -16.10 21.17 4.11
C ALA A 233 -16.97 22.34 3.63
N ARG A 234 -18.11 22.55 4.26
CA ARG A 234 -18.97 23.72 4.07
C ARG A 234 -19.43 24.31 5.40
N TYR A 235 -19.49 25.62 5.52
CA TYR A 235 -20.10 26.33 6.65
C TYR A 235 -19.46 26.15 8.00
N GLY A 236 -19.14 24.94 8.48
CA GLY A 236 -18.72 24.85 9.87
C GLY A 236 -17.22 24.93 10.10
N LEU A 237 -16.75 24.21 11.11
CA LEU A 237 -15.34 24.27 11.53
C LEU A 237 -14.71 22.90 11.48
N VAL A 238 -13.56 22.78 10.83
CA VAL A 238 -12.90 21.48 10.84
C VAL A 238 -11.44 21.65 11.26
N HIS A 239 -11.02 20.92 12.27
CA HIS A 239 -9.62 20.87 12.68
C HIS A 239 -8.96 19.65 12.02
N VAL A 240 -8.02 19.89 11.14
CA VAL A 240 -7.33 18.81 10.41
C VAL A 240 -5.93 18.65 10.96
N ALA A 241 -5.68 17.65 11.81
CA ALA A 241 -4.43 17.62 12.57
C ALA A 241 -3.64 16.33 12.49
N ASN A 242 -2.34 16.38 12.22
CA ASN A 242 -1.43 15.23 12.23
C ASN A 242 -1.96 14.06 11.39
N ASN A 243 -2.43 14.42 10.18
CA ASN A 243 -2.77 13.39 9.20
C ASN A 243 -1.64 13.25 8.17
N ASN A 244 -1.54 12.11 7.48
CA ASN A 244 -0.50 11.88 6.49
C ASN A 244 -1.10 11.74 5.10
N TYR A 245 -0.66 12.53 4.12
CA TYR A 245 -1.29 12.52 2.81
C TYR A 245 -0.32 12.00 1.74
N ASP A 246 -0.69 10.94 1.05
CA ASP A 246 -0.10 10.50 -0.20
C ASP A 246 -0.57 11.40 -1.33
N PRO A 247 0.05 11.36 -2.51
CA PRO A 247 -0.44 12.15 -3.63
C PRO A 247 -1.92 11.93 -3.94
N TRP A 248 -2.66 13.03 -3.96
CA TRP A 248 -4.06 13.17 -4.28
C TRP A 248 -4.24 13.23 -5.80
N ASN A 249 -5.47 13.38 -6.28
CA ASN A 249 -5.73 13.43 -7.71
C ASN A 249 -6.13 14.82 -8.16
N ILE A 250 -6.91 15.54 -7.34
CA ILE A 250 -7.36 16.88 -7.71
C ILE A 250 -6.85 17.90 -6.72
N TYR A 251 -7.22 17.72 -5.46
CA TYR A 251 -6.73 18.49 -4.35
C TYR A 251 -6.83 17.65 -3.07
N ALA A 252 -6.32 18.21 -1.97
CA ALA A 252 -6.45 17.47 -0.72
C ALA A 252 -7.54 18.03 0.18
N ILE A 253 -7.45 19.33 0.46
CA ILE A 253 -8.39 19.95 1.39
C ILE A 253 -9.18 21.02 0.67
N GLY A 254 -10.50 21.03 0.81
CA GLY A 254 -11.18 22.10 0.04
C GLY A 254 -12.53 22.40 0.67
N GLY A 255 -13.32 23.23 -0.01
CA GLY A 255 -14.59 23.57 0.63
C GLY A 255 -15.26 24.76 -0.04
N SER A 256 -16.47 25.04 0.43
CA SER A 256 -17.27 26.13 -0.13
C SER A 256 -18.14 26.72 0.98
N SER A 257 -18.74 27.87 0.70
CA SER A 257 -19.59 28.51 1.72
C SER A 257 -18.83 28.70 3.03
N ASN A 258 -17.64 29.28 2.95
CA ASN A 258 -16.93 29.81 4.11
C ASN A 258 -16.81 28.81 5.24
N PRO A 259 -16.19 27.67 5.03
CA PRO A 259 -15.85 26.84 6.19
C PRO A 259 -14.59 27.43 6.83
N THR A 260 -14.42 27.15 8.11
CA THR A 260 -13.19 27.41 8.83
C THR A 260 -12.38 26.12 8.86
N ILE A 261 -11.20 26.16 8.27
CA ILE A 261 -10.33 25.00 8.18
C ILE A 261 -9.00 25.29 8.84
N LEU A 262 -8.74 24.55 9.92
CA LEU A 262 -7.53 24.66 10.71
C LEU A 262 -6.65 23.43 10.47
N SER A 263 -5.71 23.62 9.53
CA SER A 263 -4.75 22.57 9.19
C SER A 263 -3.52 22.70 10.08
N GLU A 264 -3.20 21.66 10.84
CA GLU A 264 -2.06 21.72 11.76
C GLU A 264 -1.28 20.44 11.79
N GLY A 265 0.02 20.48 11.53
CA GLY A 265 0.85 19.30 11.67
C GLY A 265 0.55 18.19 10.69
N ASN A 266 -0.01 18.50 9.52
CA ASN A 266 -0.23 17.50 8.48
C ASN A 266 1.02 17.31 7.64
N SER A 267 1.14 16.19 6.94
CA SER A 267 2.26 16.01 6.00
C SER A 267 1.66 15.77 4.61
N PHE A 268 2.00 16.63 3.66
CA PHE A 268 1.36 16.57 2.34
C PHE A 268 2.43 16.23 1.30
N THR A 269 2.26 15.14 0.58
CA THR A 269 3.16 14.79 -0.53
C THR A 269 2.42 15.01 -1.83
N ALA A 270 2.79 15.99 -2.64
CA ALA A 270 2.09 16.34 -3.87
C ALA A 270 2.35 15.35 -5.01
N PRO A 271 1.39 15.24 -5.93
CA PRO A 271 1.63 14.47 -7.16
C PRO A 271 2.69 15.21 -7.99
N SER A 272 3.05 14.56 -9.09
CA SER A 272 4.05 15.17 -9.96
C SER A 272 3.56 16.34 -10.77
N GLU A 273 2.28 16.36 -11.11
CA GLU A 273 1.78 17.38 -12.04
C GLU A 273 1.79 18.78 -11.43
N SER A 274 2.23 19.76 -12.22
CA SER A 274 2.22 21.16 -11.84
C SER A 274 0.87 21.66 -11.33
N TYR A 275 -0.19 21.27 -12.04
CA TYR A 275 -1.52 21.80 -11.72
C TYR A 275 -2.15 21.03 -10.56
N LYS A 276 -1.40 20.14 -9.91
CA LYS A 276 -1.98 19.44 -8.76
C LYS A 276 -1.17 19.69 -7.50
N LYS A 277 -0.22 20.63 -7.52
CA LYS A 277 0.66 20.84 -6.37
C LYS A 277 -0.07 21.49 -5.19
N GLU A 278 -1.14 22.21 -5.47
CA GLU A 278 -1.83 22.96 -4.41
C GLU A 278 -2.67 22.02 -3.53
N VAL A 279 -2.45 22.09 -2.23
CA VAL A 279 -3.16 21.21 -1.30
C VAL A 279 -4.63 21.62 -1.24
N THR A 280 -4.86 22.93 -1.20
CA THR A 280 -6.14 23.59 -1.03
C THR A 280 -6.91 23.86 -2.32
N LYS A 281 -8.23 23.86 -2.19
CA LYS A 281 -9.10 24.24 -3.27
C LYS A 281 -10.36 24.93 -2.74
N ARG A 282 -10.55 26.20 -3.12
CA ARG A 282 -11.75 26.93 -2.78
C ARG A 282 -12.77 26.81 -3.91
N ILE A 283 -13.98 26.47 -3.53
CA ILE A 283 -15.03 26.26 -4.53
C ILE A 283 -16.14 27.27 -4.36
N GLY A 284 -16.55 27.94 -5.43
CA GLY A 284 -17.71 28.81 -5.40
C GLY A 284 -17.44 30.20 -4.88
N CYS A 285 -16.19 30.65 -5.01
CA CYS A 285 -15.84 32.00 -4.58
C CYS A 285 -16.70 33.07 -5.24
N GLU A 286 -17.07 34.10 -4.47
CA GLU A 286 -17.85 35.22 -4.99
C GLU A 286 -16.91 36.24 -5.65
N SER A 287 -15.69 36.28 -5.15
CA SER A 287 -14.61 37.13 -5.61
C SER A 287 -13.37 36.85 -4.77
N PRO A 288 -12.18 37.08 -5.27
CA PRO A 288 -10.99 36.90 -4.45
C PRO A 288 -11.10 37.71 -3.14
N SER A 289 -11.72 38.89 -3.25
CA SER A 289 -11.84 39.73 -2.07
C SER A 289 -12.73 39.08 -1.03
N ALA A 290 -13.80 38.44 -1.49
CA ALA A 290 -14.73 37.76 -0.61
C ALA A 290 -14.16 36.46 -0.07
N CYS A 291 -13.50 35.70 -0.96
CA CYS A 291 -12.99 34.39 -0.54
C CYS A 291 -11.84 34.63 0.41
N ALA A 292 -11.24 35.83 0.34
CA ALA A 292 -10.16 36.13 1.28
C ALA A 292 -10.67 36.22 2.71
N ASN A 293 -11.99 36.25 2.92
CA ASN A 293 -12.49 36.33 4.30
C ASN A 293 -12.47 34.97 4.96
N TRP A 294 -12.40 33.90 4.15
CA TRP A 294 -12.48 32.57 4.79
C TRP A 294 -11.25 32.28 5.62
N VAL A 295 -11.41 31.67 6.80
CA VAL A 295 -10.24 31.51 7.64
C VAL A 295 -9.73 30.08 7.44
N TRP A 296 -8.73 29.98 6.58
CA TRP A 296 -8.09 28.70 6.28
C TRP A 296 -6.62 28.80 6.69
N ARG A 297 -6.26 28.16 7.79
CA ARG A 297 -4.92 28.28 8.32
C ARG A 297 -4.09 27.01 8.22
N SER A 298 -2.80 27.21 7.99
CA SER A 298 -1.83 26.10 7.96
C SER A 298 -0.75 26.35 9.01
N THR A 299 -0.64 25.50 10.01
CA THR A 299 0.33 25.63 11.09
C THR A 299 1.21 24.41 11.25
N ARG A 300 2.52 24.55 11.13
CA ARG A 300 3.51 23.47 11.30
C ARG A 300 3.22 22.27 10.42
N ASP A 301 2.62 22.52 9.26
CA ASP A 301 2.44 21.48 8.23
C ASP A 301 3.77 21.17 7.59
N ALA A 302 3.91 19.98 7.01
CA ALA A 302 5.11 19.65 6.25
C ALA A 302 4.74 19.45 4.79
N PHE A 303 5.60 19.84 3.85
CA PHE A 303 5.25 19.83 2.43
C PHE A 303 6.32 19.10 1.64
N ILE A 304 5.91 18.11 0.87
CA ILE A 304 6.88 17.30 0.14
C ILE A 304 6.55 17.34 -1.34
N ASN A 305 7.58 17.27 -2.17
CA ASN A 305 7.41 17.21 -3.61
C ASN A 305 6.67 18.42 -4.16
N GLY A 306 6.89 19.59 -3.56
CA GLY A 306 6.36 20.80 -4.20
C GLY A 306 4.96 21.17 -3.73
N ALA A 307 4.40 20.43 -2.79
CA ALA A 307 3.09 20.75 -2.23
C ALA A 307 3.08 22.13 -1.58
N TYR A 308 1.96 22.84 -1.66
CA TYR A 308 1.80 24.06 -0.88
C TYR A 308 0.35 24.30 -0.52
N PHE A 309 0.16 25.04 0.57
CA PHE A 309 -1.16 25.36 1.10
C PHE A 309 -1.39 26.85 0.95
N VAL A 310 -2.49 27.26 0.34
CA VAL A 310 -2.77 28.70 0.22
C VAL A 310 -3.68 29.08 1.39
N SER A 311 -3.07 29.79 2.32
CA SER A 311 -3.73 30.27 3.54
C SER A 311 -4.60 31.49 3.32
N SER A 312 -5.57 31.70 4.19
CA SER A 312 -6.34 32.96 4.18
C SER A 312 -6.77 33.24 5.62
N GLY A 313 -6.87 34.52 5.99
CA GLY A 313 -7.19 34.92 7.36
C GLY A 313 -5.90 35.15 8.12
N LYS A 314 -5.93 35.74 9.31
CA LYS A 314 -4.68 36.05 10.00
C LYS A 314 -4.20 34.87 10.86
N THR A 315 -2.91 34.91 11.19
CA THR A 315 -2.31 33.83 11.98
C THR A 315 -2.72 33.94 13.45
N GLU A 316 -2.91 32.78 14.09
CA GLU A 316 -3.44 32.78 15.46
C GLU A 316 -3.17 31.41 16.06
N GLU A 317 -3.17 31.30 17.38
CA GLU A 317 -2.96 30.01 18.03
C GLU A 317 -4.27 29.23 18.11
N THR A 318 -4.20 27.93 17.87
CA THR A 318 -5.39 27.07 17.91
C THR A 318 -6.05 27.20 19.28
N ASN A 319 -7.26 27.77 19.29
CA ASN A 319 -8.02 27.89 20.53
C ASN A 319 -9.48 27.49 20.34
N ILE A 320 -9.71 26.20 20.14
CA ILE A 320 -11.06 25.72 19.80
C ILE A 320 -11.60 24.66 20.75
N TYR A 321 -10.75 24.03 21.55
CA TYR A 321 -11.09 22.89 22.40
C TYR A 321 -11.16 23.24 23.89
N ASN A 322 -12.05 22.63 24.64
CA ASN A 322 -12.04 22.72 26.10
C ASN A 322 -11.14 21.65 26.67
N SER A 323 -11.07 21.53 28.00
CA SER A 323 -10.12 20.63 28.61
C SER A 323 -10.46 19.16 28.34
N ASN A 324 -11.73 18.90 28.03
CA ASN A 324 -12.08 17.50 27.77
C ASN A 324 -11.75 17.08 26.34
N GLU A 325 -11.43 18.04 25.48
CA GLU A 325 -11.23 17.83 24.05
C GLU A 325 -9.78 17.99 23.58
N ALA A 326 -9.02 18.85 24.24
CA ALA A 326 -7.72 19.29 23.78
C ALA A 326 -6.74 18.13 23.67
N PHE A 327 -5.83 18.20 22.69
CA PHE A 327 -4.77 17.21 22.63
C PHE A 327 -3.56 17.79 21.89
N LYS A 328 -2.41 17.17 22.10
CA LYS A 328 -1.20 17.73 21.50
C LYS A 328 -1.09 17.42 20.02
N VAL A 329 -0.78 18.42 19.22
CA VAL A 329 -0.49 18.25 17.80
C VAL A 329 1.00 18.47 17.59
N GLU A 330 1.69 17.49 17.01
CA GLU A 330 3.11 17.64 16.69
C GLU A 330 3.33 18.29 15.34
N ASN A 331 4.58 18.66 15.06
CA ASN A 331 4.96 19.15 13.75
C ASN A 331 4.67 18.14 12.65
N GLY A 332 4.42 18.62 11.44
CA GLY A 332 4.05 17.73 10.34
C GLY A 332 5.10 16.71 10.00
N ASN A 333 6.36 16.98 10.37
CA ASN A 333 7.37 15.94 10.11
C ASN A 333 7.07 14.69 10.92
N ALA A 334 6.28 14.81 11.99
CA ALA A 334 6.00 13.61 12.78
C ALA A 334 4.80 12.82 12.28
N ALA A 335 4.01 13.35 11.37
CA ALA A 335 2.75 12.72 10.95
C ALA A 335 2.92 11.32 10.41
N PRO A 336 3.92 11.01 9.60
CA PRO A 336 4.09 9.60 9.22
C PRO A 336 4.22 8.70 10.43
N GLN A 337 4.96 9.09 11.46
CA GLN A 337 5.07 8.21 12.63
C GLN A 337 3.75 8.09 13.40
N LEU A 338 3.04 9.21 13.46
CA LEU A 338 1.81 9.26 14.28
C LEU A 338 0.68 8.48 13.62
N THR A 339 0.83 8.19 12.33
CA THR A 339 -0.22 7.52 11.56
C THR A 339 0.22 6.12 11.14
N LYS A 340 1.32 5.61 11.70
CA LYS A 340 1.83 4.33 11.24
C LYS A 340 0.83 3.21 11.47
N ASN A 341 -0.02 3.36 12.49
CA ASN A 341 -1.00 2.29 12.74
C ASN A 341 -2.40 2.62 12.25
N ALA A 342 -2.51 3.60 11.34
CA ALA A 342 -3.83 3.95 10.81
C ALA A 342 -4.53 2.73 10.19
N GLY A 343 -5.85 2.72 10.23
CA GLY A 343 -6.55 1.55 9.66
C GLY A 343 -6.84 0.55 10.77
N VAL A 344 -7.39 -0.60 10.42
CA VAL A 344 -7.85 -1.51 11.48
C VAL A 344 -6.72 -1.95 12.41
N VAL A 345 -7.09 -2.24 13.65
CA VAL A 345 -6.17 -2.76 14.64
C VAL A 345 -5.87 -4.24 14.42
N THR A 346 -4.60 -4.63 14.51
CA THR A 346 -4.36 -6.08 14.44
C THR A 346 -3.51 -6.62 15.57
N ASP B 1 15.13 -11.29 10.83
CA ASP B 1 14.07 -10.97 9.88
C ASP B 1 14.13 -9.52 9.40
N ASN B 2 13.83 -9.32 8.12
CA ASN B 2 13.77 -7.98 7.52
C ASN B 2 12.31 -7.60 7.34
N PRO B 3 11.97 -6.37 6.97
CA PRO B 3 10.55 -6.02 6.87
C PRO B 3 9.75 -6.87 5.92
N ILE B 4 10.34 -7.58 4.95
CA ILE B 4 9.51 -8.40 4.06
C ILE B 4 9.25 -9.73 4.76
N ASP B 5 10.31 -10.43 5.14
CA ASP B 5 10.10 -11.73 5.75
C ASP B 5 9.33 -11.64 7.05
N SER B 6 9.42 -10.54 7.79
CA SER B 6 8.71 -10.60 9.08
C SER B 6 7.20 -10.62 8.88
N CYS B 7 6.68 -10.19 7.74
CA CYS B 7 5.26 -10.11 7.45
C CYS B 7 4.67 -11.51 7.26
N TRP B 8 5.46 -12.48 6.82
CA TRP B 8 4.85 -13.80 6.59
C TRP B 8 5.58 -14.94 7.24
N ARG B 9 6.79 -14.73 7.72
CA ARG B 9 7.53 -15.82 8.36
C ARG B 9 7.32 -15.83 9.87
N GLY B 10 6.30 -15.11 10.31
CA GLY B 10 5.95 -15.05 11.71
C GLY B 10 5.75 -16.40 12.36
N ASP B 11 4.69 -16.52 13.15
CA ASP B 11 4.41 -17.71 13.94
C ASP B 11 3.47 -18.68 13.24
N SER B 12 2.43 -18.16 12.59
CA SER B 12 1.58 -19.09 11.83
C SER B 12 2.44 -19.75 10.76
N ASN B 13 2.07 -20.95 10.34
CA ASN B 13 2.87 -21.70 9.37
C ASN B 13 2.38 -21.44 7.95
N TRP B 14 3.32 -21.05 7.10
CA TRP B 14 3.05 -20.58 5.75
C TRP B 14 2.31 -21.62 4.92
N ASP B 15 2.59 -22.90 5.13
CA ASP B 15 2.01 -23.92 4.25
C ASP B 15 0.48 -23.95 4.36
N GLN B 16 -0.04 -23.42 5.46
CA GLN B 16 -1.48 -23.33 5.63
C GLN B 16 -2.04 -22.02 5.06
N ASN B 17 -1.11 -21.12 4.73
CA ASN B 17 -1.48 -19.80 4.27
C ASN B 17 -0.45 -19.31 3.24
N ARG B 18 -0.32 -20.09 2.16
CA ARG B 18 0.67 -19.67 1.16
C ARG B 18 0.37 -18.29 0.62
N MET B 19 -0.89 -17.91 0.42
CA MET B 19 -1.07 -16.61 -0.25
C MET B 19 -0.79 -15.40 0.62
N LYS B 20 -0.50 -15.57 1.90
CA LYS B 20 -0.20 -14.45 2.78
C LYS B 20 1.05 -13.74 2.28
N LEU B 21 1.93 -14.51 1.63
CA LEU B 21 3.16 -13.94 1.06
C LEU B 21 2.86 -12.73 0.22
N ALA B 22 1.74 -12.72 -0.51
CA ALA B 22 1.45 -11.66 -1.46
C ALA B 22 1.08 -10.33 -0.81
N ASP B 23 0.94 -10.33 0.51
CA ASP B 23 0.67 -9.04 1.15
C ASP B 23 1.95 -8.41 1.69
N CYS B 24 3.11 -9.01 1.36
CA CYS B 24 4.32 -8.67 2.11
C CYS B 24 5.39 -7.92 1.31
N ALA B 25 5.09 -7.61 0.05
CA ALA B 25 6.12 -6.92 -0.72
C ALA B 25 6.28 -5.48 -0.26
N VAL B 26 7.51 -4.97 -0.36
CA VAL B 26 7.75 -3.55 -0.06
C VAL B 26 8.31 -2.89 -1.30
N GLY B 27 8.45 -1.57 -1.27
CA GLY B 27 9.08 -0.86 -2.36
C GLY B 27 8.21 -0.68 -3.58
N PHE B 28 8.83 -0.47 -4.76
CA PHE B 28 8.03 -0.12 -5.92
C PHE B 28 7.15 -1.27 -6.39
N GLY B 29 7.51 -2.50 -6.04
CA GLY B 29 6.65 -3.64 -6.42
C GLY B 29 5.59 -3.95 -5.38
N SER B 30 5.32 -3.09 -4.40
CA SER B 30 4.45 -3.39 -3.27
C SER B 30 3.02 -3.72 -3.67
N SER B 31 2.54 -3.31 -4.83
CA SER B 31 1.17 -3.61 -5.25
C SER B 31 1.02 -4.97 -5.92
N THR B 32 2.13 -5.66 -6.10
CA THR B 32 2.15 -6.94 -6.82
C THR B 32 1.26 -7.97 -6.10
N MET B 33 0.29 -8.54 -6.80
CA MET B 33 -0.45 -9.55 -6.00
C MET B 33 -0.24 -10.96 -6.53
N GLY B 34 0.44 -11.09 -7.68
CA GLY B 34 0.67 -12.44 -8.23
C GLY B 34 -0.65 -13.16 -8.49
N GLY B 35 -0.71 -14.43 -8.09
CA GLY B 35 -1.93 -15.21 -8.33
C GLY B 35 -2.86 -15.08 -7.13
N LYS B 36 -2.70 -14.04 -6.32
CA LYS B 36 -3.56 -13.97 -5.11
C LYS B 36 -5.04 -13.95 -5.49
N GLY B 37 -5.84 -14.72 -4.74
CA GLY B 37 -7.27 -14.85 -5.02
C GLY B 37 -7.55 -15.86 -6.12
N GLY B 38 -6.53 -16.38 -6.79
CA GLY B 38 -6.79 -17.34 -7.89
C GLY B 38 -6.81 -18.75 -7.31
N ASP B 39 -6.76 -19.78 -8.13
CA ASP B 39 -6.67 -21.14 -7.62
C ASP B 39 -5.23 -21.59 -7.43
N PHE B 40 -5.00 -22.50 -6.49
CA PHE B 40 -3.71 -23.18 -6.45
C PHE B 40 -3.60 -24.12 -7.65
N TYR B 41 -2.38 -24.26 -8.16
CA TYR B 41 -2.07 -25.16 -9.28
C TYR B 41 -0.78 -25.89 -8.94
N THR B 42 -0.83 -27.22 -8.98
CA THR B 42 0.35 -27.99 -8.61
C THR B 42 1.05 -28.56 -9.84
N VAL B 43 2.35 -28.30 -9.95
CA VAL B 43 3.16 -28.89 -11.02
C VAL B 43 3.58 -30.29 -10.57
N THR B 44 3.21 -31.30 -11.34
CA THR B 44 3.47 -32.68 -10.96
C THR B 44 4.42 -33.37 -11.94
N SER B 45 4.75 -32.71 -13.04
CA SER B 45 5.63 -33.28 -14.06
C SER B 45 6.69 -32.24 -14.46
N THR B 46 7.90 -32.70 -14.80
CA THR B 46 8.95 -31.84 -15.33
C THR B 46 8.87 -31.72 -16.84
N ASP B 47 7.85 -32.29 -17.48
CA ASP B 47 7.76 -32.18 -18.93
C ASP B 47 7.52 -30.76 -19.42
N ASP B 48 7.92 -30.53 -20.67
CA ASP B 48 7.64 -29.26 -21.34
C ASP B 48 7.27 -29.50 -22.79
N ASN B 49 6.08 -29.09 -23.18
CA ASN B 49 5.69 -29.08 -24.58
C ASN B 49 5.39 -27.61 -24.91
N PRO B 50 6.30 -26.91 -25.56
CA PRO B 50 6.12 -25.47 -25.79
C PRO B 50 4.88 -25.10 -26.58
N VAL B 51 4.38 -25.92 -27.52
CA VAL B 51 3.22 -25.41 -28.27
C VAL B 51 1.90 -26.02 -27.82
N ASN B 52 1.88 -26.94 -26.87
CA ASN B 52 0.63 -27.54 -26.39
C ASN B 52 0.87 -28.10 -25.00
N PRO B 53 1.03 -27.26 -23.99
CA PRO B 53 1.44 -27.78 -22.69
C PRO B 53 0.32 -28.58 -22.04
N THR B 54 0.67 -29.61 -21.27
CA THR B 54 -0.38 -30.46 -20.69
C THR B 54 -0.59 -30.17 -19.23
N PRO B 55 -1.80 -30.31 -18.73
CA PRO B 55 -2.06 -30.11 -17.30
C PRO B 55 -1.08 -30.89 -16.42
N GLY B 56 -0.62 -30.27 -15.33
CA GLY B 56 0.41 -30.91 -14.51
C GLY B 56 1.82 -30.38 -14.75
N THR B 57 2.03 -29.71 -15.91
CA THR B 57 3.33 -29.15 -16.23
C THR B 57 3.41 -27.68 -15.87
N LEU B 58 4.63 -27.20 -15.72
CA LEU B 58 4.82 -25.79 -15.40
C LEU B 58 4.26 -24.88 -16.48
N ARG B 59 4.55 -25.19 -17.76
CA ARG B 59 4.09 -24.26 -18.78
C ARG B 59 2.58 -24.17 -18.85
N TYR B 60 1.87 -25.28 -18.57
CA TYR B 60 0.41 -25.14 -18.62
C TYR B 60 -0.09 -24.16 -17.57
N GLY B 61 0.34 -24.29 -16.32
CA GLY B 61 -0.17 -23.36 -15.31
C GLY B 61 0.27 -21.94 -15.63
N ALA B 62 1.51 -21.75 -16.05
CA ALA B 62 1.98 -20.39 -16.25
C ALA B 62 1.32 -19.64 -17.40
N THR B 63 0.75 -20.38 -18.36
CA THR B 63 0.16 -19.71 -19.52
C THR B 63 -1.34 -19.49 -19.37
N ARG B 64 -1.99 -20.01 -18.33
CA ARG B 64 -3.43 -19.84 -18.20
C ARG B 64 -3.79 -18.35 -18.04
N GLU B 65 -4.94 -18.00 -18.56
CA GLU B 65 -5.55 -16.69 -18.43
C GLU B 65 -5.95 -16.37 -17.01
N LYS B 66 -6.64 -17.27 -16.31
CA LYS B 66 -7.05 -16.97 -14.94
C LYS B 66 -5.91 -16.89 -13.94
N ALA B 67 -6.13 -16.19 -12.81
CA ALA B 67 -5.11 -16.08 -11.77
C ALA B 67 -4.79 -17.47 -11.21
N LEU B 68 -3.50 -17.77 -11.05
CA LEU B 68 -3.08 -19.06 -10.52
C LEU B 68 -1.90 -18.89 -9.58
N TRP B 69 -1.92 -19.65 -8.50
CA TRP B 69 -0.81 -19.69 -7.53
C TRP B 69 -0.13 -21.05 -7.68
N ILE B 70 1.00 -21.03 -8.39
CA ILE B 70 1.64 -22.27 -8.82
C ILE B 70 2.64 -22.76 -7.81
N ILE B 71 2.45 -24.01 -7.41
CA ILE B 71 3.31 -24.72 -6.49
C ILE B 71 3.81 -26.04 -7.09
N PHE B 72 4.70 -26.72 -6.39
CA PHE B 72 5.37 -27.91 -6.91
C PHE B 72 5.14 -29.10 -5.97
N SER B 73 4.76 -30.25 -6.53
CA SER B 73 4.39 -31.37 -5.66
C SER B 73 5.57 -31.99 -4.94
N GLN B 74 6.75 -31.93 -5.58
CA GLN B 74 7.94 -32.57 -5.06
C GLN B 74 9.19 -31.90 -5.63
N ASN B 75 10.39 -32.29 -5.22
CA ASN B 75 11.64 -31.79 -5.81
C ASN B 75 11.64 -31.99 -7.30
N MET B 76 12.16 -31.04 -8.08
CA MET B 76 12.06 -31.12 -9.53
C MET B 76 13.19 -30.39 -10.25
N ASN B 77 13.75 -31.00 -11.27
CA ASN B 77 14.71 -30.31 -12.12
C ASN B 77 14.06 -30.16 -13.49
N ILE B 78 13.85 -28.93 -13.92
CA ILE B 78 13.11 -28.72 -15.16
C ILE B 78 13.98 -28.08 -16.21
N LYS B 79 14.02 -28.67 -17.40
CA LYS B 79 14.77 -28.14 -18.52
C LYS B 79 13.74 -27.79 -19.59
N LEU B 80 13.48 -26.52 -19.74
CA LEU B 80 12.47 -26.08 -20.70
C LEU B 80 12.95 -26.18 -22.14
N LYS B 81 12.04 -26.38 -23.11
CA LYS B 81 12.46 -26.52 -24.50
C LYS B 81 12.48 -25.20 -25.27
N MET B 82 11.77 -24.19 -24.74
CA MET B 82 11.69 -22.88 -25.35
C MET B 82 11.47 -21.87 -24.23
N PRO B 83 11.62 -20.59 -24.50
CA PRO B 83 11.30 -19.57 -23.50
C PRO B 83 9.91 -19.82 -22.93
N LEU B 84 9.85 -19.66 -21.61
CA LEU B 84 8.57 -19.83 -20.92
C LEU B 84 7.99 -18.44 -20.66
N TYR B 85 6.95 -18.08 -21.41
CA TYR B 85 6.26 -16.83 -21.13
C TYR B 85 5.24 -17.02 -20.00
N VAL B 86 5.38 -16.24 -18.94
CA VAL B 86 4.51 -16.30 -17.75
C VAL B 86 3.45 -15.22 -17.88
N ALA B 87 2.20 -15.64 -17.82
CA ALA B 87 1.08 -14.72 -17.96
C ALA B 87 0.90 -13.86 -16.72
N GLY B 88 0.03 -12.86 -16.82
CA GLY B 88 -0.29 -11.95 -15.73
C GLY B 88 -1.06 -12.63 -14.62
N HIS B 89 -1.04 -12.08 -13.43
CA HIS B 89 -1.68 -12.64 -12.25
C HIS B 89 -1.27 -14.08 -12.00
N LYS B 90 0.03 -14.30 -11.87
CA LYS B 90 0.61 -15.60 -11.55
C LYS B 90 1.59 -15.46 -10.40
N THR B 91 1.63 -16.45 -9.52
CA THR B 91 2.74 -16.63 -8.61
C THR B 91 3.41 -17.96 -8.96
N ILE B 92 4.73 -18.00 -8.97
CA ILE B 92 5.44 -19.28 -9.07
C ILE B 92 6.18 -19.36 -7.74
N ASP B 93 5.75 -20.32 -6.93
CA ASP B 93 6.11 -20.41 -5.52
C ASP B 93 6.78 -21.74 -5.22
N GLY B 94 8.10 -21.70 -5.01
CA GLY B 94 8.89 -22.92 -4.81
C GLY B 94 9.00 -23.34 -3.36
N ARG B 95 8.32 -22.66 -2.45
CA ARG B 95 8.45 -23.09 -1.05
C ARG B 95 7.93 -24.52 -0.91
N GLY B 96 8.68 -25.32 -0.19
CA GLY B 96 8.23 -26.66 0.14
C GLY B 96 8.84 -27.71 -0.74
N ALA B 97 9.55 -27.26 -1.78
CA ALA B 97 10.14 -28.21 -2.71
C ALA B 97 11.48 -27.64 -3.20
N ASP B 98 12.33 -28.52 -3.68
CA ASP B 98 13.59 -28.05 -4.28
C ASP B 98 13.43 -27.95 -5.78
N VAL B 99 13.16 -26.75 -6.29
CA VAL B 99 12.82 -26.58 -7.70
C VAL B 99 13.94 -25.89 -8.48
N HIS B 100 14.45 -26.55 -9.52
CA HIS B 100 15.60 -26.04 -10.26
C HIS B 100 15.22 -25.86 -11.72
N LEU B 101 15.38 -24.66 -12.24
CA LEU B 101 15.05 -24.34 -13.61
C LEU B 101 16.34 -23.95 -14.36
N GLY B 102 16.37 -24.09 -15.68
CA GLY B 102 17.55 -23.69 -16.44
C GLY B 102 18.20 -24.96 -17.00
N ASN B 103 19.31 -25.36 -16.38
CA ASN B 103 19.87 -26.66 -16.73
C ASN B 103 20.19 -26.82 -18.21
N GLY B 104 20.64 -25.80 -18.93
CA GLY B 104 20.87 -25.99 -20.36
C GLY B 104 19.76 -25.53 -21.28
N GLY B 105 18.59 -25.17 -20.76
CA GLY B 105 17.52 -24.66 -21.58
C GLY B 105 17.22 -23.19 -21.26
N PRO B 106 16.28 -22.62 -21.98
CA PRO B 106 15.86 -21.21 -21.77
C PRO B 106 15.09 -21.10 -20.46
N CYS B 107 14.86 -19.90 -19.95
CA CYS B 107 14.19 -19.77 -18.65
C CYS B 107 12.96 -18.89 -18.70
N LEU B 108 12.80 -17.93 -17.79
CA LEU B 108 11.51 -17.28 -17.58
C LEU B 108 11.39 -15.89 -18.19
N PHE B 109 10.32 -15.70 -18.95
CA PHE B 109 10.06 -14.49 -19.69
C PHE B 109 8.72 -13.89 -19.30
N MET B 110 8.69 -12.56 -19.16
CA MET B 110 7.39 -11.91 -19.02
C MET B 110 7.32 -10.74 -19.99
N ARG B 111 6.22 -10.72 -20.74
CA ARG B 111 6.10 -9.69 -21.76
C ARG B 111 4.70 -9.11 -21.74
N LYS B 112 4.58 -7.81 -21.50
CA LYS B 112 3.29 -7.14 -21.55
C LYS B 112 2.28 -7.77 -20.60
N VAL B 113 2.72 -7.97 -19.37
CA VAL B 113 1.87 -8.56 -18.34
C VAL B 113 2.09 -7.79 -17.04
N SER B 114 1.21 -8.00 -16.08
CA SER B 114 1.31 -7.42 -14.74
C SER B 114 0.99 -8.46 -13.66
N HIS B 115 1.44 -8.15 -12.45
CA HIS B 115 1.14 -8.90 -11.25
C HIS B 115 1.68 -10.32 -11.31
N VAL B 116 3.01 -10.39 -11.28
CA VAL B 116 3.70 -11.68 -11.33
C VAL B 116 4.67 -11.73 -10.15
N ILE B 117 4.60 -12.82 -9.40
CA ILE B 117 5.52 -13.07 -8.30
C ILE B 117 6.32 -14.33 -8.60
N LEU B 118 7.64 -14.23 -8.58
CA LEU B 118 8.53 -15.38 -8.74
C LEU B 118 9.25 -15.57 -7.42
N HIS B 119 9.01 -16.67 -6.73
CA HIS B 119 9.50 -16.77 -5.35
C HIS B 119 10.06 -18.16 -5.07
N SER B 120 11.22 -18.24 -4.48
CA SER B 120 11.88 -19.43 -3.95
C SER B 120 12.17 -20.48 -5.01
N LEU B 121 12.71 -19.99 -6.13
CA LEU B 121 13.17 -20.87 -7.20
C LEU B 121 14.68 -20.84 -7.31
N HIS B 122 15.24 -21.98 -7.67
CA HIS B 122 16.65 -22.04 -8.06
C HIS B 122 16.73 -21.88 -9.57
N ILE B 123 17.47 -20.91 -10.09
CA ILE B 123 17.58 -20.83 -11.55
C ILE B 123 19.05 -20.74 -11.92
N HIS B 124 19.49 -21.67 -12.78
CA HIS B 124 20.89 -21.57 -13.18
C HIS B 124 21.11 -22.33 -14.49
N GLY B 125 22.16 -21.97 -15.23
CA GLY B 125 22.44 -22.80 -16.41
C GLY B 125 21.54 -22.38 -17.54
N CYS B 126 20.93 -21.20 -17.49
CA CYS B 126 20.03 -20.81 -18.59
C CYS B 126 20.84 -20.59 -19.87
N ASN B 127 20.22 -20.94 -21.00
CA ASN B 127 20.96 -20.85 -22.26
C ASN B 127 20.17 -20.15 -23.34
N THR B 128 20.91 -19.64 -24.33
CA THR B 128 20.29 -19.09 -25.52
C THR B 128 19.23 -20.00 -26.14
N SER B 129 18.10 -19.41 -26.53
CA SER B 129 17.04 -20.21 -27.15
C SER B 129 17.10 -20.13 -28.67
N VAL B 130 16.40 -21.05 -29.31
CA VAL B 130 16.33 -21.18 -30.75
C VAL B 130 15.05 -20.57 -31.32
N LEU B 131 15.07 -19.88 -32.45
CA LEU B 131 13.82 -19.32 -32.98
C LEU B 131 12.82 -20.46 -33.19
N GLY B 132 11.54 -20.20 -32.95
CA GLY B 132 10.59 -21.32 -33.01
C GLY B 132 9.24 -20.95 -32.44
N ASP B 133 8.25 -21.84 -32.61
CA ASP B 133 6.89 -21.58 -32.17
C ASP B 133 6.69 -21.92 -30.70
N VAL B 134 5.89 -21.09 -30.04
CA VAL B 134 5.64 -21.30 -28.61
C VAL B 134 4.21 -20.91 -28.28
N LEU B 135 3.55 -21.64 -27.39
CA LEU B 135 2.29 -21.15 -26.86
C LEU B 135 2.62 -20.00 -25.90
N VAL B 136 2.44 -18.78 -26.38
CA VAL B 136 2.85 -17.61 -25.59
C VAL B 136 1.94 -17.50 -24.37
N SER B 137 0.64 -17.65 -24.58
CA SER B 137 -0.36 -17.67 -23.53
C SER B 137 -1.59 -18.44 -24.02
N GLU B 138 -2.36 -18.97 -23.08
CA GLU B 138 -3.66 -19.56 -23.43
C GLU B 138 -4.44 -18.63 -24.34
N SER B 139 -4.56 -17.36 -23.98
CA SER B 139 -5.34 -16.44 -24.83
C SER B 139 -4.68 -16.04 -26.14
N ILE B 140 -3.37 -15.84 -26.18
CA ILE B 140 -2.72 -15.45 -27.42
C ILE B 140 -2.55 -16.61 -28.38
N GLY B 141 -2.29 -17.81 -27.86
CA GLY B 141 -2.09 -18.95 -28.77
C GLY B 141 -0.65 -19.13 -29.20
N VAL B 142 -0.41 -19.96 -30.22
CA VAL B 142 0.97 -20.25 -30.61
C VAL B 142 1.46 -19.21 -31.62
N GLU B 143 2.69 -18.77 -31.41
CA GLU B 143 3.29 -17.74 -32.22
C GLU B 143 4.80 -17.95 -32.32
N PRO B 144 5.42 -17.44 -33.37
CA PRO B 144 6.88 -17.60 -33.45
C PRO B 144 7.52 -16.74 -32.36
N VAL B 145 8.56 -17.27 -31.73
CA VAL B 145 9.38 -16.51 -30.79
C VAL B 145 10.81 -16.48 -31.32
N HIS B 146 11.42 -15.29 -31.46
CA HIS B 146 12.81 -15.27 -31.93
C HIS B 146 13.78 -15.78 -30.86
N ALA B 147 15.01 -16.04 -31.30
CA ALA B 147 16.11 -16.44 -30.44
C ALA B 147 16.28 -15.49 -29.26
N GLN B 148 16.37 -15.99 -28.03
CA GLN B 148 16.50 -15.13 -26.86
C GLN B 148 17.82 -15.39 -26.15
N ASP B 149 18.34 -14.37 -25.43
CA ASP B 149 19.55 -14.61 -24.65
C ASP B 149 19.23 -15.53 -23.47
N GLY B 150 20.26 -16.16 -22.95
CA GLY B 150 20.12 -17.02 -21.79
C GLY B 150 20.11 -16.23 -20.49
N ASP B 151 19.11 -15.40 -20.28
CA ASP B 151 18.85 -14.65 -19.06
C ASP B 151 17.99 -15.50 -18.12
N ALA B 152 18.19 -15.48 -16.81
CA ALA B 152 17.29 -16.27 -15.97
C ALA B 152 15.87 -15.73 -15.96
N ILE B 153 15.75 -14.41 -15.84
CA ILE B 153 14.44 -13.77 -15.73
C ILE B 153 14.46 -12.51 -16.57
N THR B 154 13.55 -12.48 -17.54
CA THR B 154 13.44 -11.37 -18.48
C THR B 154 12.06 -10.70 -18.40
N MET B 155 12.06 -9.38 -18.27
CA MET B 155 10.83 -8.61 -18.16
C MET B 155 10.81 -7.51 -19.22
N ARG B 156 9.77 -7.51 -20.04
CA ARG B 156 9.57 -6.54 -21.11
C ARG B 156 8.19 -5.90 -20.95
N ASN B 157 8.12 -4.59 -20.74
CA ASN B 157 6.82 -3.97 -20.53
C ASN B 157 6.01 -4.68 -19.44
N VAL B 158 6.65 -4.87 -18.29
CA VAL B 158 6.00 -5.51 -17.15
C VAL B 158 5.71 -4.47 -16.09
N THR B 159 4.55 -4.53 -15.44
CA THR B 159 4.24 -3.63 -14.34
C THR B 159 3.81 -4.42 -13.10
N ASN B 160 4.26 -4.06 -11.90
CA ASN B 160 3.86 -4.75 -10.69
C ASN B 160 4.36 -6.19 -10.70
N ALA B 161 5.66 -6.33 -10.49
CA ALA B 161 6.26 -7.67 -10.38
C ALA B 161 7.25 -7.71 -9.23
N TRP B 162 7.45 -8.93 -8.72
CA TRP B 162 8.21 -9.08 -7.48
C TRP B 162 9.02 -10.35 -7.62
N ILE B 163 10.34 -10.18 -7.61
CA ILE B 163 11.27 -11.33 -7.71
C ILE B 163 11.85 -11.53 -6.34
N ASP B 164 11.48 -12.63 -5.66
CA ASP B 164 11.83 -12.67 -4.22
C ASP B 164 12.36 -14.03 -3.80
N HIS B 165 13.44 -14.06 -3.04
CA HIS B 165 13.99 -15.28 -2.45
C HIS B 165 14.34 -16.34 -3.49
N ASN B 166 14.82 -15.91 -4.65
CA ASN B 166 15.36 -16.89 -5.61
C ASN B 166 16.86 -17.02 -5.46
N SER B 167 17.35 -18.21 -5.84
CA SER B 167 18.79 -18.49 -5.90
C SER B 167 19.19 -18.53 -7.37
N LEU B 168 19.97 -17.56 -7.81
CA LEU B 168 20.24 -17.27 -9.21
C LEU B 168 21.72 -17.33 -9.52
N SER B 169 22.17 -18.19 -10.44
CA SER B 169 23.61 -18.35 -10.62
C SER B 169 23.95 -18.82 -12.04
N ASP B 170 25.19 -18.58 -12.44
CA ASP B 170 25.83 -19.13 -13.63
C ASP B 170 24.86 -19.37 -14.78
N CYS B 171 24.37 -18.29 -15.37
CA CYS B 171 23.59 -18.28 -16.61
C CYS B 171 24.40 -17.75 -17.79
N SER B 172 23.94 -18.06 -19.00
CA SER B 172 24.81 -17.72 -20.13
C SER B 172 24.92 -16.22 -20.32
N ASP B 173 23.87 -15.45 -20.03
CA ASP B 173 23.86 -14.00 -20.23
C ASP B 173 23.53 -13.30 -18.91
N GLY B 174 22.33 -12.81 -18.67
CA GLY B 174 22.10 -12.12 -17.41
C GLY B 174 21.31 -12.91 -16.39
N LEU B 175 21.22 -12.43 -15.16
CA LEU B 175 20.32 -13.11 -14.20
C LEU B 175 18.99 -12.39 -14.20
N ILE B 176 18.97 -11.05 -14.19
CA ILE B 176 17.68 -10.38 -14.32
C ILE B 176 17.77 -9.26 -15.33
N ASP B 177 16.83 -9.23 -16.28
CA ASP B 177 16.91 -8.26 -17.38
C ASP B 177 15.57 -7.57 -17.49
N VAL B 178 15.55 -6.28 -17.20
CA VAL B 178 14.31 -5.51 -17.10
C VAL B 178 14.31 -4.38 -18.12
N THR B 179 13.38 -4.30 -19.06
CA THR B 179 13.35 -3.17 -19.97
C THR B 179 12.00 -2.82 -20.56
N LEU B 180 12.11 -1.84 -21.46
CA LEU B 180 10.98 -1.40 -22.26
C LEU B 180 9.75 -1.07 -21.44
N GLY B 181 9.82 0.04 -20.70
CA GLY B 181 8.65 0.54 -20.00
C GLY B 181 8.20 -0.45 -18.93
N SER B 182 9.16 -1.10 -18.27
CA SER B 182 8.87 -1.89 -17.07
C SER B 182 9.01 -0.99 -15.85
N THR B 183 8.12 -1.17 -14.88
CA THR B 183 8.14 -0.33 -13.69
C THR B 183 7.29 -0.94 -12.59
N GLY B 184 7.45 -0.45 -11.37
CA GLY B 184 6.71 -0.95 -10.22
C GLY B 184 7.20 -2.35 -9.86
N ILE B 185 8.52 -2.51 -9.77
CA ILE B 185 9.14 -3.82 -9.56
C ILE B 185 10.00 -3.82 -8.33
N THR B 186 9.89 -4.90 -7.54
CA THR B 186 10.78 -5.11 -6.42
C THR B 186 11.57 -6.41 -6.59
N ILE B 187 12.87 -6.30 -6.37
CA ILE B 187 13.80 -7.44 -6.50
C ILE B 187 14.39 -7.63 -5.11
N SER B 188 14.01 -8.67 -4.39
CA SER B 188 14.32 -8.74 -2.96
C SER B 188 14.72 -10.13 -2.47
N ASN B 189 15.53 -10.19 -1.43
CA ASN B 189 15.86 -11.43 -0.73
C ASN B 189 16.49 -12.48 -1.63
N ASN B 190 17.01 -12.09 -2.78
CA ASN B 190 17.59 -13.10 -3.67
C ASN B 190 19.05 -13.33 -3.37
N HIS B 191 19.56 -14.49 -3.80
CA HIS B 191 20.98 -14.76 -3.69
C HIS B 191 21.57 -14.86 -5.11
N PHE B 192 22.46 -13.95 -5.49
CA PHE B 192 23.06 -13.95 -6.82
C PHE B 192 24.50 -14.43 -6.70
N PHE B 193 24.93 -15.45 -7.45
CA PHE B 193 26.32 -15.88 -7.21
C PHE B 193 26.90 -16.61 -8.43
N ASN B 194 28.21 -16.78 -8.44
CA ASN B 194 28.89 -17.45 -9.55
C ASN B 194 28.38 -16.97 -10.90
N HIS B 195 28.42 -15.65 -11.10
CA HIS B 195 27.87 -15.12 -12.33
C HIS B 195 28.39 -13.71 -12.61
N HIS B 196 28.83 -13.43 -13.83
CA HIS B 196 29.38 -12.09 -14.11
C HIS B 196 28.34 -10.99 -14.25
N LYS B 197 27.46 -11.05 -15.25
CA LYS B 197 26.56 -9.96 -15.61
C LYS B 197 25.19 -10.03 -14.95
N VAL B 198 25.09 -9.48 -13.75
CA VAL B 198 23.96 -9.87 -12.89
C VAL B 198 22.61 -9.28 -13.26
N MET B 199 22.50 -7.96 -13.28
CA MET B 199 21.18 -7.33 -13.46
C MET B 199 21.24 -6.04 -14.27
N LEU B 200 20.44 -6.03 -15.33
CA LEU B 200 20.29 -4.90 -16.23
C LEU B 200 18.92 -4.27 -16.06
N LEU B 201 18.89 -3.02 -15.62
CA LEU B 201 17.64 -2.29 -15.49
C LEU B 201 17.59 -1.16 -16.51
N GLY B 202 17.00 -1.43 -17.67
CA GLY B 202 16.95 -0.53 -18.82
C GLY B 202 18.04 -0.89 -19.82
N HIS B 203 17.76 -0.97 -21.12
CA HIS B 203 18.65 -1.50 -22.12
C HIS B 203 19.48 -0.57 -22.99
N ASP B 204 18.90 0.51 -23.50
CA ASP B 204 19.60 1.28 -24.52
C ASP B 204 19.80 2.75 -24.20
N ASP B 205 20.67 3.35 -25.00
CA ASP B 205 20.92 4.77 -25.15
C ASP B 205 20.03 5.29 -26.28
N THR B 206 18.88 4.61 -26.36
CA THR B 206 17.89 4.75 -27.41
C THR B 206 16.46 4.57 -26.91
N TYR B 207 16.25 4.30 -25.62
CA TYR B 207 14.86 4.08 -25.20
C TYR B 207 14.40 5.13 -24.17
N ASP B 208 14.06 6.30 -24.66
CA ASP B 208 13.59 7.45 -23.90
C ASP B 208 12.59 7.10 -22.81
N ASP B 209 11.75 6.12 -23.07
CA ASP B 209 10.61 5.75 -22.26
C ASP B 209 10.93 5.05 -20.96
N ASP B 210 12.19 4.76 -20.65
CA ASP B 210 12.52 4.17 -19.36
C ASP B 210 12.84 5.24 -18.33
N LYS B 211 12.65 6.53 -18.65
CA LYS B 211 12.88 7.50 -17.58
C LYS B 211 11.86 7.38 -16.47
N SER B 212 10.74 6.69 -16.70
CA SER B 212 9.75 6.49 -15.65
C SER B 212 9.88 5.13 -14.99
N MET B 213 10.93 4.37 -15.31
CA MET B 213 11.10 3.09 -14.62
C MET B 213 11.44 3.30 -13.16
N LYS B 214 10.81 2.54 -12.26
CA LYS B 214 11.16 2.66 -10.85
C LYS B 214 11.29 1.26 -10.26
N VAL B 215 12.44 0.96 -9.68
CA VAL B 215 12.71 -0.40 -9.17
C VAL B 215 13.33 -0.35 -7.78
N THR B 216 12.95 -1.26 -6.88
CA THR B 216 13.54 -1.37 -5.56
C THR B 216 14.40 -2.63 -5.56
N VAL B 217 15.65 -2.50 -5.16
CA VAL B 217 16.55 -3.66 -5.04
C VAL B 217 16.91 -3.82 -3.58
N ALA B 218 16.43 -4.81 -2.82
CA ALA B 218 16.56 -4.76 -1.37
C ALA B 218 16.71 -6.11 -0.70
N PHE B 219 17.52 -6.20 0.33
CA PHE B 219 17.82 -7.40 1.09
C PHE B 219 18.36 -8.54 0.24
N ASN B 220 19.07 -8.28 -0.84
CA ASN B 220 19.73 -9.32 -1.62
C ASN B 220 21.15 -9.57 -1.12
N GLN B 221 21.60 -10.80 -1.30
CA GLN B 221 22.97 -11.22 -1.10
C GLN B 221 23.63 -11.27 -2.49
N PHE B 222 24.59 -10.39 -2.69
CA PHE B 222 25.31 -10.30 -3.97
C PHE B 222 26.68 -10.95 -3.76
N GLY B 223 26.76 -12.20 -4.18
CA GLY B 223 27.99 -12.98 -4.11
C GLY B 223 27.80 -14.26 -3.34
N PRO B 224 28.82 -15.12 -3.28
CA PRO B 224 30.16 -14.81 -3.78
C PRO B 224 30.35 -14.97 -5.28
N ASN B 225 31.45 -14.41 -5.78
CA ASN B 225 31.78 -14.52 -7.19
C ASN B 225 30.71 -13.94 -8.10
N ALA B 226 30.11 -12.83 -7.68
CA ALA B 226 29.27 -12.08 -8.63
C ALA B 226 30.11 -10.97 -9.24
N GLY B 227 30.03 -10.80 -10.55
CA GLY B 227 30.95 -9.99 -11.29
C GLY B 227 30.71 -8.50 -11.22
N GLN B 228 29.53 -8.10 -11.70
CA GLN B 228 29.22 -6.68 -11.86
C GLN B 228 27.75 -6.48 -12.15
N ARG B 229 27.27 -5.26 -12.34
CA ARG B 229 25.88 -4.96 -12.66
C ARG B 229 24.96 -5.33 -11.50
N MET B 230 25.17 -4.69 -10.34
CA MET B 230 24.38 -5.06 -9.17
C MET B 230 23.71 -3.88 -8.47
N PRO B 231 22.88 -3.12 -9.19
CA PRO B 231 22.56 -3.26 -10.59
C PRO B 231 23.39 -2.43 -11.56
N ARG B 232 23.20 -2.63 -12.85
CA ARG B 232 23.55 -1.65 -13.88
C ARG B 232 22.25 -1.03 -14.37
N ALA B 233 22.08 0.28 -14.21
CA ALA B 233 20.81 0.94 -14.57
C ALA B 233 20.99 1.97 -15.67
N ARG B 234 19.94 2.25 -16.43
CA ARG B 234 19.94 3.30 -17.45
C ARG B 234 18.69 4.17 -17.35
N TYR B 235 18.74 5.49 -17.37
CA TYR B 235 17.58 6.35 -17.39
C TYR B 235 16.68 6.45 -16.16
N GLY B 236 16.27 5.36 -15.53
CA GLY B 236 15.20 5.50 -14.54
C GLY B 236 15.75 5.74 -13.15
N LEU B 237 15.04 5.21 -12.17
CA LEU B 237 15.31 5.40 -10.75
C LEU B 237 15.39 4.04 -10.06
N VAL B 238 16.44 3.79 -9.30
CA VAL B 238 16.58 2.53 -8.56
C VAL B 238 16.97 2.87 -7.12
N HIS B 239 16.21 2.30 -6.17
CA HIS B 239 16.53 2.40 -4.75
C HIS B 239 17.22 1.11 -4.34
N VAL B 240 18.46 1.20 -3.90
CA VAL B 240 19.26 0.02 -3.61
C VAL B 240 19.43 -0.05 -2.11
N ALA B 241 18.69 -0.93 -1.39
CA ALA B 241 18.69 -0.80 0.06
C ALA B 241 19.01 -2.06 0.82
N ASN B 242 19.86 -1.99 1.83
CA ASN B 242 20.08 -3.08 2.76
C ASN B 242 20.43 -4.36 2.02
N ASN B 243 21.25 -4.20 1.00
CA ASN B 243 21.82 -5.38 0.35
C ASN B 243 23.22 -5.68 0.89
N ASN B 244 23.68 -6.92 0.76
CA ASN B 244 25.01 -7.28 1.23
C ASN B 244 25.87 -7.66 0.02
N TYR B 245 27.00 -6.99 -0.15
CA TYR B 245 27.85 -7.29 -1.29
C TYR B 245 29.17 -7.94 -0.92
N ASP B 246 29.41 -9.15 -1.42
CA ASP B 246 30.75 -9.72 -1.35
C ASP B 246 31.67 -9.04 -2.38
N PRO B 247 32.97 -9.24 -2.31
CA PRO B 247 33.86 -8.69 -3.35
C PRO B 247 33.40 -9.03 -4.77
N TRP B 248 33.22 -7.97 -5.55
CA TRP B 248 32.82 -7.97 -6.94
C TRP B 248 34.02 -8.13 -7.87
N ASN B 249 33.75 -8.22 -9.17
CA ASN B 249 34.83 -8.50 -10.10
C ASN B 249 35.33 -7.22 -10.76
N ILE B 250 34.45 -6.33 -11.14
CA ILE B 250 34.78 -5.10 -11.81
C ILE B 250 34.20 -3.92 -11.04
N TYR B 251 32.89 -3.97 -10.79
CA TYR B 251 32.24 -2.91 -9.99
C TYR B 251 30.97 -3.48 -9.36
N ALA B 252 30.34 -2.77 -8.42
CA ALA B 252 29.08 -3.29 -7.87
C ALA B 252 27.84 -2.61 -8.44
N ILE B 253 27.82 -1.27 -8.43
CA ILE B 253 26.67 -0.49 -8.87
C ILE B 253 27.06 0.46 -9.97
N GLY B 254 26.37 0.47 -11.11
CA GLY B 254 26.81 1.39 -12.16
C GLY B 254 25.69 1.72 -13.11
N GLY B 255 26.00 2.43 -14.18
CA GLY B 255 24.91 2.82 -15.07
C GLY B 255 25.35 3.86 -16.10
N SER B 256 24.45 4.12 -17.02
CA SER B 256 24.71 5.08 -18.10
C SER B 256 23.44 5.86 -18.40
N SER B 257 23.54 6.98 -19.11
CA SER B 257 22.36 7.76 -19.45
C SER B 257 21.56 8.19 -18.20
N ASN B 258 22.27 8.76 -17.25
CA ASN B 258 21.71 9.45 -16.11
C ASN B 258 20.64 8.69 -15.38
N PRO B 259 20.95 7.52 -14.83
CA PRO B 259 19.95 6.91 -13.93
C PRO B 259 20.02 7.64 -12.62
N THR B 260 18.95 7.59 -11.83
CA THR B 260 19.08 8.03 -10.43
C THR B 260 19.27 6.78 -9.58
N ILE B 261 20.34 6.80 -8.79
CA ILE B 261 20.71 5.66 -7.97
C ILE B 261 20.80 6.08 -6.50
N LEU B 262 19.85 5.56 -5.71
CA LEU B 262 19.81 5.84 -4.29
C LEU B 262 20.23 4.61 -3.49
N SER B 263 21.47 4.64 -3.01
CA SER B 263 22.06 3.55 -2.25
C SER B 263 21.91 3.83 -0.76
N GLU B 264 21.24 2.92 -0.04
CA GLU B 264 20.95 3.23 1.37
C GLU B 264 21.15 2.00 2.23
N GLY B 265 22.01 2.06 3.22
CA GLY B 265 22.18 0.95 4.16
C GLY B 265 22.68 -0.33 3.53
N ASN B 266 23.48 -0.21 2.47
CA ASN B 266 24.11 -1.43 1.95
C ASN B 266 25.43 -1.69 2.67
N SER B 267 25.96 -2.91 2.52
CA SER B 267 27.25 -3.26 3.07
C SER B 267 28.16 -3.75 1.94
N PHE B 268 29.28 -3.08 1.71
CA PHE B 268 30.18 -3.37 0.59
C PHE B 268 31.56 -3.81 1.06
N THR B 269 31.91 -5.05 0.73
CA THR B 269 33.27 -5.52 1.01
C THR B 269 34.08 -5.53 -0.28
N ALA B 270 35.08 -4.68 -0.45
CA ALA B 270 35.81 -4.59 -1.70
C ALA B 270 36.79 -5.74 -1.90
N PRO B 271 37.10 -6.03 -3.16
CA PRO B 271 38.18 -6.95 -3.49
C PRO B 271 39.54 -6.35 -3.09
N SER B 272 40.60 -7.16 -3.17
CA SER B 272 41.90 -6.67 -2.71
C SER B 272 42.52 -5.67 -3.69
N GLU B 273 42.27 -5.82 -4.99
CA GLU B 273 42.88 -4.96 -6.00
C GLU B 273 42.43 -3.51 -5.90
N SER B 274 43.40 -2.62 -5.96
CA SER B 274 43.10 -1.20 -5.78
C SER B 274 42.18 -0.64 -6.85
N TYR B 275 42.27 -1.18 -8.06
CA TYR B 275 41.48 -0.64 -9.16
C TYR B 275 40.06 -1.23 -9.13
N LYS B 276 39.80 -2.04 -8.12
CA LYS B 276 38.45 -2.56 -7.90
C LYS B 276 37.83 -2.04 -6.62
N LYS B 277 38.42 -1.04 -5.96
CA LYS B 277 37.84 -0.64 -4.67
C LYS B 277 36.56 0.16 -4.80
N GLU B 278 36.36 0.83 -5.93
CA GLU B 278 35.22 1.72 -6.06
C GLU B 278 33.95 0.91 -6.32
N VAL B 279 32.95 1.12 -5.50
CA VAL B 279 31.65 0.48 -5.68
C VAL B 279 30.96 0.84 -6.98
N THR B 280 30.97 2.13 -7.29
CA THR B 280 30.31 2.78 -8.41
C THR B 280 31.10 2.75 -9.73
N LYS B 281 30.37 2.70 -10.84
CA LYS B 281 30.95 2.86 -12.17
C LYS B 281 29.99 3.60 -13.11
N ARG B 282 30.40 4.78 -13.61
CA ARG B 282 29.62 5.47 -14.61
C ARG B 282 30.04 5.00 -16.02
N ILE B 283 29.07 4.75 -16.88
CA ILE B 283 29.42 4.28 -18.21
C ILE B 283 28.95 5.29 -19.23
N GLY B 284 29.84 5.57 -20.19
CA GLY B 284 29.56 6.41 -21.32
C GLY B 284 29.72 7.91 -21.12
N CYS B 285 30.39 8.34 -20.07
CA CYS B 285 30.58 9.75 -19.77
C CYS B 285 31.78 10.34 -20.50
N GLU B 286 31.64 11.57 -20.99
CA GLU B 286 32.80 12.20 -21.62
C GLU B 286 33.87 12.52 -20.58
N SER B 287 33.45 12.97 -19.40
CA SER B 287 34.34 13.36 -18.32
C SER B 287 33.59 13.41 -17.00
N PRO B 288 34.24 13.46 -15.84
CA PRO B 288 33.44 13.55 -14.59
C PRO B 288 32.56 14.79 -14.59
N SER B 289 33.07 15.97 -14.94
CA SER B 289 32.21 17.14 -14.97
C SER B 289 31.00 17.02 -15.87
N ALA B 290 31.13 16.33 -17.00
CA ALA B 290 29.99 16.24 -17.92
C ALA B 290 28.85 15.40 -17.35
N CYS B 291 29.11 14.53 -16.37
CA CYS B 291 28.11 13.68 -15.75
C CYS B 291 27.84 14.10 -14.31
N ALA B 292 28.28 15.30 -13.92
CA ALA B 292 28.17 15.75 -12.54
C ALA B 292 26.73 15.91 -12.05
N ASN B 293 25.79 16.03 -12.98
CA ASN B 293 24.42 16.24 -12.57
C ASN B 293 23.73 14.94 -12.16
N TRP B 294 24.25 13.77 -12.56
CA TRP B 294 23.57 12.52 -12.22
C TRP B 294 23.41 12.42 -10.71
N VAL B 295 22.21 12.08 -10.26
CA VAL B 295 21.98 11.97 -8.82
C VAL B 295 22.28 10.55 -8.37
N TRP B 296 23.49 10.35 -7.84
CA TRP B 296 23.91 9.05 -7.33
C TRP B 296 24.25 9.27 -5.86
N ARG B 297 23.41 8.77 -4.96
CA ARG B 297 23.62 9.06 -3.54
C ARG B 297 23.86 7.82 -2.70
N SER B 298 24.67 8.04 -1.69
CA SER B 298 25.05 6.98 -0.77
C SER B 298 24.72 7.43 0.65
N THR B 299 23.93 6.68 1.38
CA THR B 299 23.47 7.05 2.73
C THR B 299 23.49 5.90 3.71
N ARG B 300 24.17 6.04 4.84
CA ARG B 300 24.28 5.03 5.88
C ARG B 300 24.82 3.70 5.36
N ASP B 301 25.59 3.74 4.29
CA ASP B 301 26.24 2.54 3.72
C ASP B 301 27.39 2.13 4.63
N ALA B 302 27.79 0.85 4.61
CA ALA B 302 28.96 0.38 5.33
C ALA B 302 30.01 -0.09 4.31
N PHE B 303 31.26 0.28 4.57
CA PHE B 303 32.34 0.03 3.62
C PHE B 303 33.47 -0.74 4.28
N ILE B 304 33.84 -1.85 3.65
CA ILE B 304 34.85 -2.71 4.28
C ILE B 304 35.95 -2.97 3.26
N ASN B 305 37.16 -3.19 3.77
CA ASN B 305 38.36 -3.45 2.97
C ASN B 305 38.60 -2.33 1.97
N GLY B 306 38.29 -1.09 2.31
CA GLY B 306 38.70 -0.03 1.37
C GLY B 306 37.65 0.34 0.36
N ALA B 307 36.47 -0.32 0.38
CA ALA B 307 35.45 0.06 -0.59
C ALA B 307 35.01 1.50 -0.46
N TYR B 308 34.61 2.14 -1.55
CA TYR B 308 34.08 3.51 -1.42
C TYR B 308 33.12 3.77 -2.56
N PHE B 309 32.24 4.75 -2.38
CA PHE B 309 31.20 5.10 -3.35
C PHE B 309 31.42 6.54 -3.75
N VAL B 310 31.41 6.83 -5.05
CA VAL B 310 31.57 8.23 -5.45
C VAL B 310 30.20 8.80 -5.78
N SER B 311 29.73 9.69 -4.88
CA SER B 311 28.41 10.26 -5.10
C SER B 311 28.45 11.40 -6.10
N SER B 312 27.30 11.71 -6.69
CA SER B 312 27.22 12.89 -7.55
C SER B 312 25.84 13.51 -7.42
N GLY B 313 25.75 14.74 -7.90
CA GLY B 313 24.49 15.40 -8.08
C GLY B 313 24.14 16.32 -6.94
N LYS B 314 23.15 17.16 -7.22
CA LYS B 314 22.67 18.07 -6.19
C LYS B 314 22.30 17.25 -4.96
N THR B 315 22.77 17.65 -3.79
CA THR B 315 22.42 16.95 -2.55
C THR B 315 20.95 17.18 -2.25
N GLU B 316 20.30 16.17 -1.67
CA GLU B 316 18.88 16.28 -1.35
C GLU B 316 18.43 15.05 -0.56
N GLU B 317 17.30 15.17 0.12
CA GLU B 317 16.68 14.09 0.88
C GLU B 317 15.58 13.46 0.04
N THR B 318 15.77 12.19 -0.34
CA THR B 318 14.78 11.64 -1.25
C THR B 318 13.43 11.48 -0.58
N ASN B 319 12.40 11.77 -1.36
CA ASN B 319 11.05 11.34 -0.95
C ASN B 319 10.50 10.56 -2.13
N ILE B 320 10.53 9.22 -2.07
CA ILE B 320 10.21 8.51 -3.32
C ILE B 320 9.07 7.50 -3.23
N TYR B 321 8.70 7.09 -2.03
CA TYR B 321 7.69 6.08 -1.81
C TYR B 321 6.38 6.63 -1.21
N ASN B 322 5.24 6.15 -1.63
CA ASN B 322 3.96 6.43 -0.97
C ASN B 322 3.82 5.58 0.26
N SER B 323 2.75 5.68 1.06
CA SER B 323 2.76 4.94 2.33
C SER B 323 2.63 3.44 2.16
N ASN B 324 2.22 2.94 0.98
CA ASN B 324 2.15 1.48 0.87
C ASN B 324 3.50 0.90 0.44
N GLU B 325 4.29 1.67 -0.29
CA GLU B 325 5.62 1.26 -0.75
C GLU B 325 6.69 1.40 0.30
N ALA B 326 6.53 2.37 1.21
CA ALA B 326 7.62 2.66 2.14
C ALA B 326 8.00 1.50 3.05
N PHE B 327 9.24 1.41 3.49
CA PHE B 327 9.71 0.36 4.41
C PHE B 327 10.95 0.83 5.16
N LYS B 328 11.12 0.32 6.37
CA LYS B 328 12.25 0.67 7.20
C LYS B 328 13.57 0.21 6.59
N VAL B 329 14.55 1.12 6.51
CA VAL B 329 15.89 0.80 6.02
C VAL B 329 16.88 1.01 7.16
N GLU B 330 17.64 -0.01 7.50
CA GLU B 330 18.56 0.02 8.63
C GLU B 330 19.93 0.52 8.17
N ASN B 331 20.81 0.84 9.13
CA ASN B 331 22.19 1.18 8.79
C ASN B 331 22.89 0.00 8.14
N GLY B 332 23.88 0.29 7.29
CA GLY B 332 24.49 -0.80 6.51
C GLY B 332 25.14 -1.85 7.34
N ASN B 333 25.48 -1.53 8.60
CA ASN B 333 26.11 -2.57 9.42
C ASN B 333 25.14 -3.71 9.69
N ALA B 334 23.85 -3.48 9.50
CA ALA B 334 22.83 -4.50 9.70
C ALA B 334 22.58 -5.37 8.46
N ALA B 335 23.10 -4.96 7.31
CA ALA B 335 22.79 -5.62 6.05
C ALA B 335 23.16 -7.07 6.06
N PRO B 336 24.31 -7.50 6.57
CA PRO B 336 24.53 -8.95 6.65
C PRO B 336 23.46 -9.67 7.45
N GLN B 337 23.03 -9.12 8.59
CA GLN B 337 22.00 -9.89 9.29
C GLN B 337 20.69 -9.89 8.54
N LEU B 338 20.34 -8.75 7.93
CA LEU B 338 19.09 -8.60 7.20
C LEU B 338 19.03 -9.51 5.98
N THR B 339 20.17 -10.01 5.52
CA THR B 339 20.16 -10.86 4.31
C THR B 339 20.58 -12.28 4.60
N LYS B 340 20.62 -12.68 5.87
CA LYS B 340 21.19 -14.00 6.15
C LYS B 340 20.35 -15.11 5.56
N ASN B 341 19.07 -14.87 5.31
CA ASN B 341 18.25 -15.92 4.68
C ASN B 341 18.02 -15.66 3.21
N ALA B 342 18.87 -14.87 2.56
CA ALA B 342 18.72 -14.59 1.13
C ALA B 342 18.71 -15.89 0.34
N GLY B 343 17.96 -15.96 -0.77
CA GLY B 343 17.95 -17.25 -1.47
C GLY B 343 16.71 -18.07 -1.19
N VAL B 344 16.61 -19.27 -1.77
CA VAL B 344 15.35 -20.01 -1.66
C VAL B 344 15.03 -20.27 -0.18
N VAL B 345 13.74 -20.36 0.11
CA VAL B 345 13.27 -20.64 1.45
C VAL B 345 13.34 -22.13 1.75
N THR B 346 14.09 -22.55 2.76
CA THR B 346 14.13 -24.01 2.98
C THR B 346 13.75 -24.38 4.41
#